data_5GHG
#
_entry.id   5GHG
#
_cell.length_a   79.020
_cell.length_b   102.040
_cell.length_c   116.830
_cell.angle_alpha   90.00
_cell.angle_beta   90.00
_cell.angle_gamma   90.00
#
_symmetry.space_group_name_H-M   'P 21 21 21'
#
loop_
_entity.id
_entity.type
_entity.pdbx_description
1 polymer 'Aminotransferase class-III'
2 non-polymer "4'-DEOXY-4'-AMINOPYRIDOXAL-5'-PHOSPHATE"
3 water water
#
_entity_poly.entity_id   1
_entity_poly.type   'polypeptide(L)'
_entity_poly.pdbx_seq_one_letter_code
;MTAQPNSLEARDIRYHLHSYTDAVRLEAEGPLVIERGDGIYVEDVSGKRYIEAMSGLLSVGVGFSEPRLAEAAARQMKKL
PFYHTFSYRSHGPVIDLAEKLVSMAPVPMSKAYFTNSGSEANDTVVKLIWYRSNALGEPERKKIISRKRGYHGVTIASAS
LTGLPNNHRSFDLPIDRILHTGCPHFYREGQAGESEEQFATRLADELEQLIIAEGPHTIAAFIGEPVMGAGGVVVPPKTY
WEKVQAVLKRYDILLIADEVICGFGRTGNLFGSQTFDMKPDILVMSKQLSSSYLPISAFLINERVYAPIAEESHKIGTLG
TGFTASGHPVAAAVALENLAIIEERDLVANARDRGTYMQKRLRELQDHPLVGEVRGVGLIAGVELVTDKQAKTGLEPTGA
LGAKANAVLQERGVISRAMGDTLAFCPPLIINDQQVDTMVSALEATLNDVQASLTR
;
_entity_poly.pdbx_strand_id   A,B
#
loop_
_chem_comp.id
_chem_comp.type
_chem_comp.name
_chem_comp.formula
PMP non-polymer 4'-DEOXY-4'-AMINOPYRIDOXAL-5'-PHOSPHATE 'C8 H13 N2 O5 P'
#
# COMPACT_ATOMS: atom_id res chain seq x y z
N LEU A 32 -13.67 -1.36 24.02
CA LEU A 32 -12.42 -1.24 24.79
C LEU A 32 -11.51 -0.19 24.15
N VAL A 33 -11.20 0.86 24.89
CA VAL A 33 -10.38 1.95 24.39
C VAL A 33 -8.97 1.77 24.94
N ILE A 34 -8.02 1.46 24.06
CA ILE A 34 -6.63 1.25 24.43
C ILE A 34 -5.87 2.55 24.21
N GLU A 35 -5.09 2.94 25.21
CA GLU A 35 -4.44 4.25 25.23
C GLU A 35 -2.92 4.20 25.17
N ARG A 36 -2.30 3.19 25.77
CA ARG A 36 -0.86 3.12 25.84
C ARG A 36 -0.47 1.65 26.02
N GLY A 37 0.79 1.35 25.79
CA GLY A 37 1.29 -0.01 25.92
C GLY A 37 2.64 -0.04 26.60
N ASP A 38 3.01 -1.23 27.08
CA ASP A 38 4.29 -1.41 27.76
C ASP A 38 4.64 -2.90 27.72
N GLY A 39 5.73 -3.25 27.06
CA GLY A 39 6.09 -4.66 26.94
C GLY A 39 4.96 -5.44 26.28
N ILE A 40 4.52 -6.52 26.91
CA ILE A 40 3.43 -7.32 26.34
C ILE A 40 2.05 -6.78 26.71
N TYR A 41 1.98 -5.68 27.46
CA TYR A 41 0.71 -5.19 27.99
C TYR A 41 0.21 -3.97 27.23
N VAL A 42 -1.11 -3.80 27.22
CA VAL A 42 -1.73 -2.54 26.85
C VAL A 42 -2.63 -2.10 28.01
N GLU A 43 -2.92 -0.80 28.06
CA GLU A 43 -3.79 -0.24 29.09
C GLU A 43 -4.94 0.50 28.46
N ASP A 44 -6.13 0.31 29.03
CA ASP A 44 -7.26 1.12 28.63
C ASP A 44 -7.25 2.46 29.37
N VAL A 45 -8.15 3.34 28.96
CA VAL A 45 -8.22 4.68 29.52
C VAL A 45 -8.45 4.67 31.04
N SER A 46 -9.05 3.61 31.58
CA SER A 46 -9.31 3.55 33.01
C SER A 46 -8.11 3.10 33.82
N GLY A 47 -7.03 2.72 33.14
CA GLY A 47 -5.85 2.23 33.82
C GLY A 47 -5.73 0.72 33.94
N LYS A 48 -6.71 -0.02 33.43
CA LYS A 48 -6.66 -1.49 33.52
C LYS A 48 -5.65 -2.03 32.48
N ARG A 49 -4.83 -2.96 32.93
CA ARG A 49 -3.76 -3.53 32.13
C ARG A 49 -4.18 -4.90 31.58
N TYR A 50 -3.82 -5.17 30.33
CA TYR A 50 -4.15 -6.42 29.67
C TYR A 50 -2.91 -6.99 29.02
N ILE A 51 -2.76 -8.30 29.07
CA ILE A 51 -1.82 -8.98 28.19
C ILE A 51 -2.37 -8.95 26.78
N GLU A 52 -1.58 -8.43 25.85
CA GLU A 52 -1.97 -8.37 24.44
C GLU A 52 -1.58 -9.69 23.80
N ALA A 53 -2.46 -10.67 23.97
CA ALA A 53 -2.20 -12.04 23.53
C ALA A 53 -2.19 -12.18 22.01
N MET A 54 -2.57 -11.15 21.25
CA MET A 54 -2.38 -11.17 19.80
C MET A 54 -1.38 -10.14 19.30
N SER A 55 -0.55 -9.57 20.17
CA SER A 55 0.42 -8.57 19.74
C SER A 55 -0.22 -7.62 18.72
N GLY A 56 -1.34 -7.03 19.09
CA GLY A 56 -2.04 -6.11 18.20
C GLY A 56 -2.72 -6.84 17.06
N LEU A 57 -2.13 -6.77 15.86
CA LEU A 57 -2.65 -7.56 14.74
C LEU A 57 -1.71 -8.71 14.40
N LEU A 58 -1.29 -9.45 15.41
CA LEU A 58 -0.30 -10.55 15.26
C LEU A 58 0.99 -10.01 14.68
N SER A 59 1.35 -8.77 15.07
CA SER A 59 2.41 -8.01 14.41
C SER A 59 3.39 -7.31 15.35
N VAL A 60 3.08 -7.09 16.61
CA VAL A 60 3.91 -6.24 17.49
C VAL A 60 4.93 -7.15 18.16
N GLY A 61 5.95 -7.53 17.39
CA GLY A 61 6.87 -8.57 17.83
C GLY A 61 7.70 -8.21 19.06
N VAL A 62 8.28 -7.01 19.09
CA VAL A 62 9.15 -6.59 20.18
C VAL A 62 8.36 -5.95 21.33
N GLY A 63 7.05 -6.06 21.31
CA GLY A 63 6.23 -5.45 22.33
C GLY A 63 5.96 -3.96 22.09
N PHE A 64 5.21 -3.37 23.02
CA PHE A 64 4.63 -2.04 22.82
C PHE A 64 5.46 -0.91 23.38
N SER A 65 6.65 -1.18 23.89
CA SER A 65 7.46 -0.07 24.42
C SER A 65 8.94 -0.33 24.19
N GLU A 66 9.33 -0.56 22.93
CA GLU A 66 10.73 -0.69 22.58
C GLU A 66 11.35 0.67 22.25
N PRO A 67 12.13 1.25 23.16
CA PRO A 67 12.60 2.63 22.92
C PRO A 67 13.55 2.77 21.73
N ARG A 68 14.28 1.72 21.37
CA ARG A 68 15.23 1.82 20.27
C ARG A 68 14.52 2.09 18.93
N LEU A 69 13.27 1.66 18.79
CA LEU A 69 12.56 1.93 17.54
C LEU A 69 12.20 3.41 17.42
N ALA A 70 11.76 4.05 18.50
CA ALA A 70 11.52 5.49 18.45
C ALA A 70 12.83 6.24 18.17
N GLU A 71 13.92 5.79 18.76
CA GLU A 71 15.20 6.43 18.53
C GLU A 71 15.62 6.36 17.05
N ALA A 72 15.44 5.21 16.42
CA ALA A 72 15.76 5.05 15.01
C ALA A 72 14.87 5.94 14.14
N ALA A 73 13.58 6.00 14.45
CA ALA A 73 12.66 6.85 13.69
C ALA A 73 13.05 8.32 13.82
N ALA A 74 13.25 8.80 15.05
CA ALA A 74 13.54 10.21 15.22
C ALA A 74 14.85 10.59 14.53
N ARG A 75 15.86 9.73 14.65
CA ARG A 75 17.14 10.01 14.01
C ARG A 75 16.98 10.13 12.49
N GLN A 76 16.32 9.17 11.86
CA GLN A 76 16.21 9.21 10.40
C GLN A 76 15.32 10.37 9.96
N MET A 77 14.21 10.59 10.67
CA MET A 77 13.28 11.62 10.22
C MET A 77 13.90 13.01 10.26
N LYS A 78 14.91 13.22 11.09
CA LYS A 78 15.59 14.52 11.11
C LYS A 78 16.74 14.60 10.13
N LYS A 79 17.18 13.47 9.56
CA LYS A 79 18.24 13.47 8.56
C LYS A 79 17.67 13.54 7.15
N LEU A 80 16.82 12.56 6.81
CA LEU A 80 16.16 12.51 5.51
C LEU A 80 14.79 11.90 5.75
N PRO A 81 13.76 12.74 5.94
CA PRO A 81 12.47 12.19 6.34
C PRO A 81 11.76 11.47 5.21
N PHE A 82 12.01 11.87 3.97
CA PHE A 82 11.44 11.16 2.86
C PHE A 82 12.34 11.33 1.64
N TYR A 83 12.56 10.23 0.95
CA TYR A 83 12.88 10.30 -0.46
C TYR A 83 12.30 9.04 -1.11
N HIS A 84 12.16 9.08 -2.42
CA HIS A 84 11.52 7.99 -3.14
C HIS A 84 12.56 7.06 -3.75
N THR A 85 12.10 5.92 -4.26
CA THR A 85 12.96 4.96 -4.91
C THR A 85 12.60 4.80 -6.39
N PHE A 86 11.83 5.75 -6.94
CA PHE A 86 11.49 5.74 -8.35
C PHE A 86 12.69 6.19 -9.18
N SER A 87 12.71 5.77 -10.43
CA SER A 87 13.57 6.36 -11.45
C SER A 87 15.03 6.48 -11.00
N TYR A 88 15.61 5.36 -10.61
CA TYR A 88 17.05 5.28 -10.34
C TYR A 88 17.45 6.11 -9.12
N ARG A 89 16.54 6.28 -8.16
CA ARG A 89 16.86 6.96 -6.91
C ARG A 89 16.83 5.99 -5.77
N SER A 90 17.62 6.27 -4.74
CA SER A 90 17.62 5.40 -3.58
C SER A 90 18.13 6.15 -2.38
N HIS A 91 18.23 5.47 -1.25
CA HIS A 91 18.74 6.06 -0.02
C HIS A 91 19.28 4.95 0.85
N GLY A 92 20.07 5.33 1.85
CA GLY A 92 20.78 4.38 2.67
C GLY A 92 19.92 3.34 3.38
N PRO A 93 18.83 3.79 4.04
CA PRO A 93 18.01 2.81 4.76
C PRO A 93 17.42 1.70 3.89
N VAL A 94 16.89 2.02 2.71
CA VAL A 94 16.30 0.96 1.92
C VAL A 94 17.39 0.03 1.37
N ILE A 95 18.55 0.59 1.02
CA ILE A 95 19.65 -0.25 0.55
C ILE A 95 20.09 -1.24 1.63
N ASP A 96 20.35 -0.75 2.85
CA ASP A 96 20.67 -1.64 3.96
C ASP A 96 19.58 -2.68 4.22
N LEU A 97 18.31 -2.27 4.14
CA LEU A 97 17.24 -3.21 4.45
C LEU A 97 17.10 -4.26 3.34
N ALA A 98 17.27 -3.86 2.07
CA ALA A 98 17.20 -4.81 0.97
C ALA A 98 18.29 -5.89 1.13
N GLU A 99 19.51 -5.46 1.42
CA GLU A 99 20.61 -6.39 1.63
C GLU A 99 20.33 -7.30 2.81
N LYS A 100 19.83 -6.72 3.90
CA LYS A 100 19.53 -7.50 5.10
C LYS A 100 18.48 -8.57 4.81
N LEU A 101 17.38 -8.19 4.16
CA LEU A 101 16.31 -9.16 3.92
C LEU A 101 16.75 -10.27 2.96
N VAL A 102 17.42 -9.93 1.88
CA VAL A 102 17.92 -10.96 0.98
C VAL A 102 18.87 -11.90 1.74
N SER A 103 19.74 -11.34 2.59
CA SER A 103 20.71 -12.16 3.29
C SER A 103 20.04 -13.10 4.28
N MET A 104 18.87 -12.71 4.81
CA MET A 104 18.14 -13.49 5.79
C MET A 104 17.24 -14.55 5.17
N ALA A 105 17.09 -14.56 3.84
CA ALA A 105 16.07 -15.36 3.21
C ALA A 105 16.25 -16.84 3.56
N PRO A 106 15.15 -17.59 3.75
CA PRO A 106 15.30 -19.03 4.08
C PRO A 106 15.70 -19.88 2.88
N VAL A 107 15.54 -19.37 1.67
CA VAL A 107 16.05 -19.98 0.44
C VAL A 107 16.76 -18.87 -0.34
N PRO A 108 17.61 -19.21 -1.30
CA PRO A 108 18.31 -18.17 -2.05
C PRO A 108 17.32 -17.22 -2.73
N MET A 109 17.50 -15.94 -2.50
CA MET A 109 16.66 -14.90 -3.10
C MET A 109 17.56 -13.92 -3.84
N SER A 110 16.95 -13.13 -4.71
CA SER A 110 17.71 -12.20 -5.55
C SER A 110 17.49 -10.73 -5.18
N LYS A 111 16.23 -10.33 -5.01
CA LYS A 111 15.89 -8.92 -4.85
C LYS A 111 14.82 -8.78 -3.79
N ALA A 112 14.76 -7.59 -3.19
CA ALA A 112 13.65 -7.18 -2.32
C ALA A 112 12.94 -5.98 -2.96
N TYR A 113 11.63 -5.96 -2.83
CA TYR A 113 10.78 -4.87 -3.33
C TYR A 113 9.90 -4.43 -2.17
N PHE A 114 9.69 -3.12 -2.04
CA PHE A 114 9.06 -2.57 -0.84
C PHE A 114 7.70 -1.95 -1.15
N THR A 115 6.74 -2.18 -0.24
CA THR A 115 5.43 -1.55 -0.26
C THR A 115 5.10 -1.03 1.15
N ASN A 116 3.88 -0.53 1.36
CA ASN A 116 3.46 -0.09 2.70
C ASN A 116 2.77 -1.18 3.50
N SER A 117 2.08 -2.10 2.85
CA SER A 117 1.30 -3.08 3.59
C SER A 117 1.42 -4.45 2.96
N GLY A 118 1.07 -5.48 3.73
CA GLY A 118 1.00 -6.82 3.19
C GLY A 118 -0.04 -6.95 2.09
N SER A 119 -1.15 -6.22 2.20
CA SER A 119 -2.17 -6.22 1.17
C SER A 119 -1.60 -5.71 -0.15
N GLU A 120 -0.91 -4.58 -0.11
CA GLU A 120 -0.28 -4.03 -1.32
C GLU A 120 0.75 -4.98 -1.88
N ALA A 121 1.53 -5.62 -1.01
CA ALA A 121 2.57 -6.52 -1.47
C ALA A 121 1.97 -7.67 -2.28
N ASN A 122 0.94 -8.33 -1.72
CA ASN A 122 0.33 -9.45 -2.43
C ASN A 122 -0.30 -8.98 -3.73
N ASP A 123 -0.90 -7.80 -3.73
CA ASP A 123 -1.46 -7.21 -4.92
C ASP A 123 -0.39 -6.98 -5.99
N THR A 124 0.75 -6.39 -5.61
CA THR A 124 1.84 -6.20 -6.54
C THR A 124 2.42 -7.54 -7.00
N VAL A 125 2.46 -8.53 -6.13
CA VAL A 125 2.97 -9.84 -6.49
C VAL A 125 2.10 -10.45 -7.60
N VAL A 126 0.78 -10.36 -7.48
CA VAL A 126 -0.10 -10.89 -8.52
C VAL A 126 0.18 -10.17 -9.85
N LYS A 127 0.28 -8.83 -9.79
CA LYS A 127 0.53 -8.05 -10.98
C LYS A 127 1.86 -8.44 -11.63
N LEU A 128 2.91 -8.63 -10.83
CA LEU A 128 4.21 -8.97 -11.39
C LEU A 128 4.25 -10.40 -11.92
N ILE A 129 3.46 -11.29 -11.35
CA ILE A 129 3.34 -12.64 -11.89
C ILE A 129 2.70 -12.61 -13.29
N TRP A 130 1.67 -11.81 -13.48
CA TRP A 130 1.11 -11.63 -14.81
C TRP A 130 2.14 -11.07 -15.77
N TYR A 131 2.85 -10.03 -15.33
CA TYR A 131 3.92 -9.43 -16.11
C TYR A 131 4.99 -10.47 -16.48
N ARG A 132 5.40 -11.25 -15.50
CA ARG A 132 6.43 -12.26 -15.74
C ARG A 132 5.98 -13.27 -16.81
N SER A 133 4.75 -13.75 -16.70
CA SER A 133 4.23 -14.70 -17.68
C SER A 133 4.20 -14.09 -19.08
N ASN A 134 3.76 -12.83 -19.19
CA ASN A 134 3.86 -12.14 -20.47
C ASN A 134 5.31 -12.03 -20.93
N ALA A 135 6.24 -11.79 -20.00
CA ALA A 135 7.65 -11.67 -20.31
C ALA A 135 8.28 -13.04 -20.67
N LEU A 136 7.56 -14.13 -20.50
CA LEU A 136 8.02 -15.46 -20.83
C LEU A 136 7.20 -16.08 -21.97
N GLY A 137 6.46 -15.26 -22.71
CA GLY A 137 5.65 -15.75 -23.81
C GLY A 137 4.54 -16.69 -23.41
N GLU A 138 3.94 -16.51 -22.23
CA GLU A 138 2.84 -17.35 -21.78
C GLU A 138 1.64 -16.49 -21.40
N PRO A 139 0.94 -15.93 -22.40
CA PRO A 139 -0.19 -15.05 -22.07
C PRO A 139 -1.33 -15.75 -21.34
N GLU A 140 -1.41 -17.09 -21.40
CA GLU A 140 -2.47 -17.79 -20.69
C GLU A 140 -2.09 -18.25 -19.28
N ARG A 141 -0.82 -18.15 -18.88
CA ARG A 141 -0.44 -18.61 -17.53
C ARG A 141 -0.62 -17.48 -16.53
N LYS A 142 -1.87 -17.29 -16.10
CA LYS A 142 -2.23 -16.14 -15.30
C LYS A 142 -3.09 -16.46 -14.07
N LYS A 143 -3.49 -17.71 -13.88
CA LYS A 143 -4.36 -18.04 -12.76
C LYS A 143 -3.55 -18.22 -11.48
N ILE A 144 -4.13 -17.82 -10.35
CA ILE A 144 -3.51 -17.92 -9.03
C ILE A 144 -4.38 -18.81 -8.16
N ILE A 145 -3.78 -19.81 -7.53
CA ILE A 145 -4.50 -20.72 -6.64
C ILE A 145 -4.23 -20.29 -5.21
N SER A 146 -5.28 -19.93 -4.49
CA SER A 146 -5.28 -19.66 -3.07
C SER A 146 -6.11 -20.74 -2.37
N ARG A 147 -6.36 -20.56 -1.08
CA ARG A 147 -7.07 -21.58 -0.29
C ARG A 147 -8.19 -20.98 0.54
N LYS A 148 -9.26 -21.76 0.71
CA LYS A 148 -10.32 -21.37 1.61
C LYS A 148 -9.70 -21.12 3.00
N ARG A 149 -10.16 -20.05 3.64
CA ARG A 149 -9.73 -19.57 4.93
C ARG A 149 -8.35 -18.95 4.93
N GLY A 150 -7.67 -18.88 3.79
CA GLY A 150 -6.46 -18.10 3.71
C GLY A 150 -6.78 -16.62 3.86
N TYR A 151 -5.79 -15.87 4.35
CA TYR A 151 -5.90 -14.42 4.45
C TYR A 151 -4.70 -13.76 3.79
N HIS A 152 -4.95 -12.84 2.86
CA HIS A 152 -3.90 -12.27 2.05
C HIS A 152 -4.03 -10.75 1.82
N GLY A 153 -5.03 -10.11 2.41
CA GLY A 153 -5.17 -8.67 2.30
C GLY A 153 -6.56 -8.27 1.89
N VAL A 154 -6.71 -6.98 1.59
CA VAL A 154 -8.02 -6.37 1.43
C VAL A 154 -8.13 -5.52 0.17
N THR A 155 -7.12 -5.52 -0.68
CA THR A 155 -7.36 -4.82 -1.95
C THR A 155 -8.31 -5.65 -2.81
N ILE A 156 -8.81 -5.06 -3.88
CA ILE A 156 -9.70 -5.82 -4.74
C ILE A 156 -9.03 -7.12 -5.17
N ALA A 157 -7.73 -7.06 -5.48
CA ALA A 157 -7.03 -8.29 -5.87
C ALA A 157 -6.67 -9.17 -4.65
N SER A 158 -6.08 -8.58 -3.61
CA SER A 158 -5.64 -9.42 -2.50
C SER A 158 -6.80 -9.89 -1.64
N ALA A 159 -7.92 -9.14 -1.59
CA ALA A 159 -9.13 -9.66 -0.99
C ALA A 159 -9.72 -10.84 -1.78
N SER A 160 -9.47 -10.88 -3.11
CA SER A 160 -9.89 -12.03 -3.90
C SER A 160 -9.05 -13.28 -3.55
N LEU A 161 -7.75 -13.09 -3.33
CA LEU A 161 -6.91 -14.18 -2.85
C LEU A 161 -7.40 -14.69 -1.50
N THR A 162 -7.75 -13.77 -0.61
CA THR A 162 -8.31 -14.10 0.70
C THR A 162 -9.48 -15.06 0.54
N GLY A 163 -9.50 -16.10 1.36
CA GLY A 163 -10.49 -17.16 1.16
C GLY A 163 -11.54 -17.18 2.24
N LEU A 164 -11.79 -16.04 2.88
CA LEU A 164 -12.81 -15.91 3.91
C LEU A 164 -14.08 -15.27 3.33
N PRO A 165 -15.25 -15.76 3.74
CA PRO A 165 -16.51 -15.32 3.11
C PRO A 165 -16.83 -13.83 3.27
N ASN A 166 -16.57 -13.26 4.45
CA ASN A 166 -16.94 -11.86 4.67
C ASN A 166 -16.16 -10.90 3.76
N ASN A 167 -15.09 -11.38 3.14
CA ASN A 167 -14.32 -10.53 2.22
C ASN A 167 -14.90 -10.45 0.81
N HIS A 168 -15.91 -11.30 0.44
CA HIS A 168 -16.22 -11.49 -0.98
C HIS A 168 -17.57 -10.99 -1.49
N ARG A 169 -18.63 -11.80 -1.35
CA ARG A 169 -19.86 -11.67 -2.15
C ARG A 169 -20.34 -10.23 -2.39
N SER A 170 -20.54 -9.45 -1.32
CA SER A 170 -21.08 -8.10 -1.52
C SER A 170 -20.07 -7.14 -2.13
N PHE A 171 -18.82 -7.57 -2.30
CA PHE A 171 -17.82 -6.78 -2.99
C PHE A 171 -17.60 -7.24 -4.43
N ASP A 172 -18.41 -8.19 -4.90
CA ASP A 172 -18.25 -8.74 -6.25
C ASP A 172 -16.90 -9.43 -6.43
N LEU A 173 -16.40 -10.04 -5.38
CA LEU A 173 -15.12 -10.76 -5.45
C LEU A 173 -15.41 -12.25 -5.34
N PRO A 174 -14.46 -13.11 -5.74
CA PRO A 174 -13.12 -12.76 -6.23
C PRO A 174 -13.09 -12.34 -7.71
N ILE A 175 -12.11 -11.54 -8.08
CA ILE A 175 -11.92 -11.22 -9.49
C ILE A 175 -11.56 -12.47 -10.28
N ASP A 176 -11.73 -12.36 -11.60
CA ASP A 176 -11.34 -13.42 -12.52
C ASP A 176 -9.85 -13.76 -12.36
N ARG A 177 -9.53 -15.04 -12.49
CA ARG A 177 -8.19 -15.65 -12.47
C ARG A 177 -7.77 -16.15 -11.09
N ILE A 178 -8.53 -15.86 -10.03
CA ILE A 178 -8.19 -16.31 -8.69
C ILE A 178 -9.05 -17.53 -8.37
N LEU A 179 -8.40 -18.66 -8.10
CA LEU A 179 -9.06 -19.90 -7.73
C LEU A 179 -8.77 -20.22 -6.27
N HIS A 180 -9.63 -21.03 -5.67
CA HIS A 180 -9.44 -21.47 -4.28
C HIS A 180 -9.55 -22.98 -4.18
N THR A 181 -8.54 -23.60 -3.60
CA THR A 181 -8.60 -25.01 -3.24
C THR A 181 -8.92 -25.14 -1.75
N GLY A 182 -8.93 -26.36 -1.24
CA GLY A 182 -9.48 -26.61 0.08
C GLY A 182 -8.61 -26.11 1.22
N CYS A 183 -9.24 -25.90 2.38
CA CYS A 183 -8.51 -25.52 3.60
C CYS A 183 -7.91 -26.75 4.27
N PRO A 184 -6.65 -26.73 4.62
CA PRO A 184 -6.00 -27.90 5.22
C PRO A 184 -6.21 -27.98 6.74
N HIS A 185 -7.48 -28.00 7.17
CA HIS A 185 -7.83 -28.03 8.57
C HIS A 185 -8.44 -29.41 8.86
N PHE A 186 -7.59 -30.32 9.33
CA PHE A 186 -8.01 -31.71 9.57
C PHE A 186 -9.25 -31.79 10.47
N TYR A 187 -9.26 -31.06 11.57
CA TYR A 187 -10.37 -31.15 12.53
C TYR A 187 -11.72 -30.83 11.89
N ARG A 188 -11.73 -29.96 10.88
CA ARG A 188 -12.98 -29.55 10.25
C ARG A 188 -13.18 -30.12 8.85
N GLU A 189 -12.15 -30.67 8.22
CA GLU A 189 -12.28 -31.11 6.83
C GLU A 189 -12.03 -32.60 6.64
N GLY A 190 -11.48 -33.29 7.62
CA GLY A 190 -11.22 -34.71 7.48
C GLY A 190 -12.51 -35.51 7.34
N GLN A 191 -12.43 -36.58 6.56
CA GLN A 191 -13.54 -37.48 6.38
C GLN A 191 -13.57 -38.52 7.50
N ALA A 192 -14.73 -39.15 7.67
CA ALA A 192 -14.85 -40.21 8.68
C ALA A 192 -13.82 -41.29 8.48
N GLY A 193 -13.01 -41.55 9.51
CA GLY A 193 -12.01 -42.60 9.43
C GLY A 193 -10.73 -42.22 8.71
N GLU A 194 -10.60 -40.99 8.23
CA GLU A 194 -9.42 -40.57 7.50
C GLU A 194 -8.30 -40.18 8.46
N SER A 195 -7.08 -40.63 8.18
CA SER A 195 -5.96 -40.22 8.99
C SER A 195 -5.42 -38.84 8.55
N GLU A 196 -4.57 -38.27 9.39
CA GLU A 196 -3.97 -36.98 9.11
C GLU A 196 -3.15 -37.00 7.80
N GLU A 197 -2.33 -38.02 7.62
CA GLU A 197 -1.50 -38.04 6.42
C GLU A 197 -2.29 -38.39 5.16
N GLN A 198 -3.36 -39.20 5.31
CA GLN A 198 -4.29 -39.43 4.22
C GLN A 198 -5.02 -38.16 3.82
N PHE A 199 -5.35 -37.34 4.82
CA PHE A 199 -5.96 -36.04 4.55
C PHE A 199 -4.99 -35.15 3.76
N ALA A 200 -3.71 -35.13 4.14
CA ALA A 200 -2.71 -34.38 3.39
C ALA A 200 -2.62 -34.87 1.94
N THR A 201 -2.61 -36.19 1.76
CA THR A 201 -2.60 -36.76 0.43
C THR A 201 -3.82 -36.34 -0.39
N ARG A 202 -4.99 -36.34 0.25
CA ARG A 202 -6.21 -35.96 -0.47
C ARG A 202 -6.19 -34.49 -0.87
N LEU A 203 -5.69 -33.62 0.00
CA LEU A 203 -5.58 -32.20 -0.36
C LEU A 203 -4.65 -32.02 -1.54
N ALA A 204 -3.50 -32.71 -1.55
CA ALA A 204 -2.58 -32.58 -2.67
C ALA A 204 -3.21 -33.08 -3.96
N ASP A 205 -3.97 -34.18 -3.88
CA ASP A 205 -4.63 -34.73 -5.06
C ASP A 205 -5.72 -33.80 -5.56
N GLU A 206 -6.53 -33.23 -4.65
CA GLU A 206 -7.53 -32.26 -5.08
C GLU A 206 -6.88 -31.04 -5.72
N LEU A 207 -5.71 -30.65 -5.26
CA LEU A 207 -4.97 -29.56 -5.90
C LEU A 207 -4.54 -29.96 -7.31
N GLU A 208 -3.98 -31.17 -7.45
CA GLU A 208 -3.59 -31.63 -8.76
C GLU A 208 -4.81 -31.73 -9.69
N GLN A 209 -5.92 -32.23 -9.16
CA GLN A 209 -7.16 -32.29 -9.94
C GLN A 209 -7.59 -30.91 -10.43
N LEU A 210 -7.48 -29.90 -9.57
CA LEU A 210 -7.83 -28.54 -9.97
C LEU A 210 -6.93 -28.04 -11.09
N ILE A 211 -5.61 -28.28 -10.95
CA ILE A 211 -4.64 -27.84 -11.94
C ILE A 211 -4.91 -28.50 -13.29
N ILE A 212 -5.23 -29.79 -13.29
CA ILE A 212 -5.46 -30.49 -14.53
C ILE A 212 -6.74 -30.01 -15.20
N ALA A 213 -7.80 -29.84 -14.41
CA ALA A 213 -9.07 -29.39 -14.97
C ALA A 213 -9.00 -27.96 -15.50
N GLU A 214 -8.20 -27.09 -14.86
CA GLU A 214 -8.03 -25.73 -15.38
C GLU A 214 -7.11 -25.69 -16.59
N GLY A 215 -6.26 -26.69 -16.77
CA GLY A 215 -5.17 -26.63 -17.72
C GLY A 215 -3.90 -26.18 -17.05
N PRO A 216 -2.95 -27.09 -16.85
CA PRO A 216 -1.76 -26.75 -16.04
C PRO A 216 -0.98 -25.59 -16.58
N HIS A 217 -0.93 -25.43 -17.89
CA HIS A 217 -0.25 -24.30 -18.50
C HIS A 217 -0.91 -22.96 -18.19
N THR A 218 -2.12 -22.96 -17.64
CA THR A 218 -2.79 -21.71 -17.28
C THR A 218 -2.54 -21.30 -15.82
N ILE A 219 -1.89 -22.14 -15.03
CA ILE A 219 -1.71 -21.88 -13.60
C ILE A 219 -0.34 -21.23 -13.41
N ALA A 220 -0.33 -20.00 -12.90
CA ALA A 220 0.92 -19.27 -12.70
C ALA A 220 1.52 -19.49 -11.31
N ALA A 221 0.70 -19.57 -10.27
CA ALA A 221 1.25 -19.58 -8.93
C ALA A 221 0.24 -20.13 -7.95
N PHE A 222 0.78 -20.58 -6.83
CA PHE A 222 0.03 -21.04 -5.66
C PHE A 222 0.48 -20.20 -4.46
N ILE A 223 -0.46 -19.65 -3.70
CA ILE A 223 -0.12 -18.79 -2.57
C ILE A 223 -0.64 -19.44 -1.29
N GLY A 224 0.20 -19.47 -0.26
CA GLY A 224 -0.20 -20.02 1.01
C GLY A 224 0.61 -19.47 2.17
N GLU A 225 -0.09 -19.17 3.26
CA GLU A 225 0.58 -18.96 4.53
C GLU A 225 1.08 -20.30 5.06
N PRO A 226 2.30 -20.37 5.60
CA PRO A 226 2.74 -21.63 6.21
C PRO A 226 1.72 -22.15 7.23
N VAL A 227 1.24 -21.25 8.08
CA VAL A 227 0.12 -21.47 8.99
C VAL A 227 -0.88 -20.35 8.75
N MET A 228 -2.16 -20.68 8.61
CA MET A 228 -3.19 -19.69 8.31
C MET A 228 -3.56 -18.94 9.59
N GLY A 229 -3.21 -17.66 9.68
CA GLY A 229 -3.38 -16.89 10.90
C GLY A 229 -4.79 -16.38 11.15
N ALA A 230 -5.24 -15.44 10.33
CA ALA A 230 -6.58 -14.88 10.48
C ALA A 230 -7.68 -15.92 10.26
N GLY A 231 -7.41 -16.96 9.48
CA GLY A 231 -8.43 -17.98 9.25
C GLY A 231 -8.68 -18.92 10.41
N GLY A 232 -8.03 -18.68 11.55
CA GLY A 232 -8.23 -19.49 12.73
C GLY A 232 -7.02 -20.29 13.21
N VAL A 233 -5.82 -19.82 12.90
CA VAL A 233 -4.58 -20.53 13.23
C VAL A 233 -4.66 -21.98 12.75
N VAL A 234 -4.80 -22.18 11.45
CA VAL A 234 -4.89 -23.53 10.90
C VAL A 234 -3.48 -24.01 10.61
N VAL A 235 -3.04 -25.01 11.35
CA VAL A 235 -1.75 -25.66 11.11
C VAL A 235 -2.01 -26.79 10.13
N PRO A 236 -1.30 -26.85 8.99
CA PRO A 236 -1.57 -27.90 8.01
C PRO A 236 -1.20 -29.28 8.57
N PRO A 237 -1.78 -30.34 8.04
CA PRO A 237 -1.43 -31.67 8.50
C PRO A 237 0.00 -31.98 8.11
N LYS A 238 0.63 -32.89 8.84
CA LYS A 238 1.98 -33.26 8.47
C LYS A 238 1.97 -33.92 7.09
N THR A 239 3.02 -33.63 6.32
CA THR A 239 3.29 -34.03 4.95
C THR A 239 2.53 -33.17 3.94
N TYR A 240 1.67 -32.24 4.40
CA TYR A 240 0.95 -31.37 3.48
C TYR A 240 1.89 -30.59 2.57
N TRP A 241 2.85 -29.87 3.14
CA TRP A 241 3.66 -28.99 2.31
C TRP A 241 4.61 -29.79 1.42
N GLU A 242 5.08 -30.96 1.89
CA GLU A 242 5.88 -31.81 1.01
C GLU A 242 5.07 -32.28 -0.20
N LYS A 243 3.84 -32.73 0.02
CA LYS A 243 3.05 -33.26 -1.08
C LYS A 243 2.57 -32.15 -1.99
N VAL A 244 2.17 -31.01 -1.42
CA VAL A 244 1.75 -29.89 -2.25
C VAL A 244 2.89 -29.42 -3.14
N GLN A 245 4.10 -29.34 -2.59
CA GLN A 245 5.23 -28.86 -3.39
C GLN A 245 5.63 -29.82 -4.49
N ALA A 246 5.46 -31.13 -4.26
CA ALA A 246 5.66 -32.10 -5.33
C ALA A 246 4.72 -31.80 -6.50
N VAL A 247 3.45 -31.49 -6.20
CA VAL A 247 2.50 -31.20 -7.25
C VAL A 247 2.91 -29.95 -8.02
N LEU A 248 3.24 -28.88 -7.29
CA LEU A 248 3.62 -27.64 -7.94
C LEU A 248 4.87 -27.83 -8.80
N LYS A 249 5.86 -28.56 -8.27
CA LYS A 249 7.10 -28.76 -9.01
C LYS A 249 6.85 -29.54 -10.31
N ARG A 250 5.94 -30.49 -10.29
CA ARG A 250 5.58 -31.24 -11.49
C ARG A 250 5.16 -30.32 -12.62
N TYR A 251 4.43 -29.25 -12.31
CA TYR A 251 3.93 -28.36 -13.33
C TYR A 251 4.71 -27.05 -13.42
N ASP A 252 5.79 -26.92 -12.67
CA ASP A 252 6.62 -25.72 -12.64
C ASP A 252 5.81 -24.47 -12.28
N ILE A 253 4.89 -24.62 -11.32
CA ILE A 253 4.07 -23.52 -10.80
C ILE A 253 4.83 -22.81 -9.68
N LEU A 254 4.82 -21.47 -9.68
CA LEU A 254 5.47 -20.70 -8.63
C LEU A 254 4.80 -20.90 -7.28
N LEU A 255 5.61 -20.91 -6.22
CA LEU A 255 5.13 -20.96 -4.85
C LEU A 255 5.36 -19.59 -4.20
N ILE A 256 4.29 -18.98 -3.73
CA ILE A 256 4.34 -17.74 -2.95
C ILE A 256 4.12 -18.09 -1.48
N ALA A 257 5.13 -17.87 -0.65
CA ALA A 257 4.97 -18.04 0.80
C ALA A 257 4.54 -16.68 1.36
N ASP A 258 3.33 -16.62 1.92
CA ASP A 258 2.83 -15.42 2.56
C ASP A 258 3.23 -15.48 4.04
N GLU A 259 4.32 -14.81 4.36
CA GLU A 259 4.89 -14.83 5.71
C GLU A 259 4.46 -13.60 6.51
N VAL A 260 3.31 -13.05 6.18
CA VAL A 260 2.84 -11.81 6.79
C VAL A 260 2.68 -11.98 8.30
N ILE A 261 2.15 -13.11 8.73
CA ILE A 261 2.02 -13.42 10.16
C ILE A 261 3.16 -14.32 10.65
N CYS A 262 3.56 -15.31 9.86
CA CYS A 262 4.51 -16.32 10.31
C CYS A 262 5.95 -15.84 10.30
N GLY A 263 6.23 -14.64 9.80
CA GLY A 263 7.60 -14.20 9.65
C GLY A 263 8.21 -13.72 10.96
N PHE A 264 9.54 -13.69 10.99
CA PHE A 264 10.34 -13.11 12.06
C PHE A 264 10.00 -13.74 13.42
N GLY A 265 10.14 -15.06 13.47
CA GLY A 265 10.20 -15.80 14.71
C GLY A 265 8.90 -16.34 15.25
N ARG A 266 7.78 -16.12 14.58
CA ARG A 266 6.47 -16.48 15.12
C ARG A 266 6.30 -18.00 15.28
N THR A 267 6.86 -18.81 14.37
CA THR A 267 6.58 -20.23 14.36
C THR A 267 7.69 -21.08 14.95
N GLY A 268 8.68 -20.47 15.58
CA GLY A 268 9.77 -21.23 16.17
C GLY A 268 11.05 -21.18 15.37
N ASN A 269 11.00 -20.63 14.16
CA ASN A 269 12.14 -20.32 13.33
C ASN A 269 11.96 -18.91 12.81
N LEU A 270 12.99 -18.35 12.20
CA LEU A 270 12.89 -17.01 11.66
C LEU A 270 11.70 -16.89 10.70
N PHE A 271 11.54 -17.87 9.80
CA PHE A 271 10.43 -17.87 8.85
C PHE A 271 9.61 -19.13 8.96
N GLY A 272 8.30 -19.01 8.74
CA GLY A 272 7.45 -20.19 8.70
C GLY A 272 7.83 -21.15 7.60
N SER A 273 8.39 -20.64 6.51
CA SER A 273 8.85 -21.51 5.42
C SER A 273 9.90 -22.49 5.92
N GLN A 274 10.75 -22.08 6.86
CA GLN A 274 11.74 -23.00 7.42
C GLN A 274 11.05 -24.04 8.29
N THR A 275 10.12 -23.60 9.13
CA THR A 275 9.42 -24.52 10.01
C THR A 275 8.73 -25.64 9.24
N PHE A 276 8.17 -25.31 8.08
CA PHE A 276 7.39 -26.24 7.28
C PHE A 276 8.10 -26.69 6.02
N ASP A 277 9.40 -26.43 5.91
CA ASP A 277 10.24 -26.86 4.80
C ASP A 277 9.63 -26.48 3.44
N MET A 278 9.24 -25.21 3.32
CA MET A 278 8.74 -24.67 2.07
C MET A 278 9.88 -23.97 1.32
N LYS A 279 9.87 -24.07 -0.01
CA LYS A 279 10.87 -23.44 -0.87
C LYS A 279 10.15 -22.47 -1.80
N PRO A 280 9.78 -21.30 -1.30
CA PRO A 280 9.05 -20.35 -2.16
C PRO A 280 9.95 -19.70 -3.20
N ASP A 281 9.34 -19.30 -4.32
CA ASP A 281 9.99 -18.42 -5.26
C ASP A 281 9.83 -16.94 -4.88
N ILE A 282 8.77 -16.64 -4.12
CA ILE A 282 8.45 -15.30 -3.70
C ILE A 282 8.05 -15.39 -2.24
N LEU A 283 8.56 -14.48 -1.40
CA LEU A 283 8.28 -14.52 0.01
C LEU A 283 7.77 -13.13 0.44
N VAL A 284 6.58 -13.07 1.00
CA VAL A 284 5.92 -11.81 1.32
C VAL A 284 6.00 -11.56 2.84
N MET A 285 6.40 -10.34 3.22
CA MET A 285 6.52 -9.94 4.61
C MET A 285 5.72 -8.66 4.85
N SER A 286 5.24 -8.45 6.07
CA SER A 286 4.32 -7.36 6.36
C SER A 286 4.99 -6.35 7.31
N LYS A 287 4.19 -5.61 8.08
CA LYS A 287 4.74 -4.61 9.00
C LYS A 287 5.31 -5.23 10.29
N GLN A 288 5.21 -6.56 10.47
CA GLN A 288 6.04 -7.21 11.49
C GLN A 288 7.55 -7.03 11.20
N LEU A 289 7.88 -6.63 9.99
CA LEU A 289 9.20 -6.16 9.66
C LEU A 289 9.64 -5.05 10.61
N SER A 290 8.68 -4.22 11.05
CA SER A 290 8.95 -3.10 11.94
C SER A 290 8.23 -3.29 13.29
N SER A 291 7.78 -4.50 13.60
CA SER A 291 6.88 -4.74 14.72
C SER A 291 5.66 -3.81 14.71
N SER A 292 5.20 -3.46 13.51
CA SER A 292 4.06 -2.58 13.31
C SER A 292 4.29 -1.15 13.82
N TYR A 293 5.50 -0.79 14.20
CA TYR A 293 5.76 0.56 14.68
C TYR A 293 5.60 1.59 13.57
N LEU A 294 5.82 1.20 12.31
CA LEU A 294 5.53 2.06 11.16
C LEU A 294 5.07 1.18 10.00
N PRO A 295 4.27 1.72 9.09
CA PRO A 295 3.85 0.95 7.90
C PRO A 295 5.05 0.68 6.98
N ILE A 296 5.34 -0.60 6.77
CA ILE A 296 6.30 -1.01 5.75
C ILE A 296 6.07 -2.49 5.49
N SER A 297 6.25 -2.90 4.24
CA SER A 297 6.17 -4.31 3.87
C SER A 297 7.14 -4.55 2.73
N ALA A 298 7.38 -5.82 2.42
CA ALA A 298 8.34 -6.16 1.39
C ALA A 298 8.04 -7.56 0.88
N PHE A 299 8.52 -7.85 -0.31
CA PHE A 299 8.59 -9.23 -0.72
C PHE A 299 9.92 -9.48 -1.38
N LEU A 300 10.35 -10.73 -1.29
CA LEU A 300 11.58 -11.20 -1.90
C LEU A 300 11.21 -12.05 -3.13
N ILE A 301 12.04 -11.96 -4.18
CA ILE A 301 11.87 -12.79 -5.35
C ILE A 301 13.23 -13.43 -5.68
N ASN A 302 13.17 -14.64 -6.22
CA ASN A 302 14.41 -15.32 -6.59
C ASN A 302 14.80 -14.93 -8.02
N GLU A 303 15.92 -15.46 -8.49
CA GLU A 303 16.43 -15.10 -9.80
C GLU A 303 15.47 -15.53 -10.91
N ARG A 304 14.84 -16.70 -10.74
CA ARG A 304 13.86 -17.18 -11.69
C ARG A 304 12.73 -16.18 -11.93
N VAL A 305 12.33 -15.46 -10.89
CA VAL A 305 11.28 -14.44 -11.05
C VAL A 305 11.85 -13.13 -11.55
N TYR A 306 12.99 -12.71 -11.02
CA TYR A 306 13.54 -11.40 -11.33
C TYR A 306 13.97 -11.28 -12.79
N ALA A 307 14.70 -12.27 -13.31
CA ALA A 307 15.37 -12.08 -14.58
C ALA A 307 14.40 -11.72 -15.73
N PRO A 308 13.31 -12.48 -15.95
CA PRO A 308 12.44 -12.10 -17.06
C PRO A 308 11.70 -10.80 -16.82
N ILE A 309 11.43 -10.45 -15.56
CA ILE A 309 10.81 -9.15 -15.26
C ILE A 309 11.77 -8.01 -15.63
N ALA A 310 13.06 -8.16 -15.27
CA ALA A 310 14.02 -7.11 -15.60
C ALA A 310 14.11 -6.89 -17.12
N GLU A 311 14.13 -7.97 -17.89
CA GLU A 311 14.26 -7.83 -19.35
C GLU A 311 13.02 -7.15 -19.95
N GLU A 312 11.83 -7.50 -19.46
CA GLU A 312 10.61 -6.85 -19.93
C GLU A 312 10.62 -5.36 -19.58
N SER A 313 11.05 -5.00 -18.35
CA SER A 313 11.10 -3.59 -17.99
C SER A 313 12.03 -2.81 -18.91
N HIS A 314 13.05 -3.48 -19.42
CA HIS A 314 13.98 -2.84 -20.34
C HIS A 314 13.37 -2.63 -21.73
N LYS A 315 12.54 -3.56 -22.19
CA LYS A 315 11.86 -3.35 -23.48
C LYS A 315 10.84 -2.24 -23.38
N ILE A 316 10.14 -2.15 -22.25
CA ILE A 316 9.14 -1.10 -22.07
C ILE A 316 9.79 0.25 -21.77
N GLY A 317 10.93 0.26 -21.09
CA GLY A 317 11.62 1.49 -20.72
C GLY A 317 11.52 1.80 -19.23
N THR A 318 10.66 1.11 -18.51
CA THR A 318 10.50 1.26 -17.09
C THR A 318 9.71 0.08 -16.58
N LEU A 319 9.78 -0.17 -15.28
CA LEU A 319 8.89 -1.10 -14.60
C LEU A 319 7.72 -0.31 -14.07
N GLY A 320 6.57 -0.41 -14.71
CA GLY A 320 5.50 0.52 -14.48
C GLY A 320 4.64 0.27 -13.26
N THR A 321 5.27 0.21 -12.09
CA THR A 321 4.52 0.09 -10.85
C THR A 321 5.35 0.67 -9.70
N GLY A 322 4.67 0.99 -8.59
CA GLY A 322 5.34 1.49 -7.42
C GLY A 322 4.50 2.46 -6.59
N PHE A 323 4.64 2.39 -5.28
CA PHE A 323 3.94 3.28 -4.37
C PHE A 323 4.85 4.44 -3.98
N THR A 324 4.26 5.62 -3.84
CA THR A 324 4.99 6.81 -3.42
C THR A 324 5.95 6.54 -2.27
N ALA A 325 5.47 5.86 -1.24
CA ALA A 325 6.26 5.62 -0.05
C ALA A 325 7.02 4.28 -0.07
N SER A 326 7.14 3.64 -1.24
CA SER A 326 7.90 2.40 -1.35
C SER A 326 9.32 2.62 -0.83
N GLY A 327 9.72 1.82 0.16
CA GLY A 327 11.06 1.93 0.70
C GLY A 327 11.27 3.08 1.65
N HIS A 328 10.19 3.69 2.14
CA HIS A 328 10.23 4.87 2.97
C HIS A 328 11.39 4.86 3.96
N PRO A 329 12.25 5.89 3.94
CA PRO A 329 13.49 5.80 4.71
C PRO A 329 13.29 5.71 6.21
N VAL A 330 12.27 6.36 6.76
CA VAL A 330 12.05 6.31 8.20
C VAL A 330 11.54 4.92 8.60
N ALA A 331 10.58 4.39 7.84
CA ALA A 331 10.09 3.04 8.08
C ALA A 331 11.21 2.01 7.90
N ALA A 332 12.05 2.20 6.88
CA ALA A 332 13.17 1.29 6.64
C ALA A 332 14.17 1.33 7.81
N ALA A 333 14.45 2.52 8.33
CA ALA A 333 15.35 2.65 9.48
C ALA A 333 14.78 1.92 10.69
N VAL A 334 13.49 2.04 10.92
CA VAL A 334 12.86 1.37 12.05
C VAL A 334 12.88 -0.15 11.86
N ALA A 335 12.65 -0.62 10.63
CA ALA A 335 12.70 -2.05 10.35
C ALA A 335 14.10 -2.61 10.57
N LEU A 336 15.12 -1.88 10.13
CA LEU A 336 16.48 -2.32 10.35
C LEU A 336 16.76 -2.48 11.85
N GLU A 337 16.37 -1.48 12.64
CA GLU A 337 16.61 -1.55 14.09
C GLU A 337 15.79 -2.68 14.71
N ASN A 338 14.58 -2.91 14.21
CA ASN A 338 13.75 -3.98 14.72
C ASN A 338 14.42 -5.34 14.49
N LEU A 339 14.95 -5.56 13.28
CA LEU A 339 15.65 -6.81 12.99
C LEU A 339 16.92 -6.94 13.83
N ALA A 340 17.64 -5.84 14.04
CA ALA A 340 18.82 -5.87 14.89
C ALA A 340 18.48 -6.30 16.31
N ILE A 341 17.35 -5.83 16.83
CA ILE A 341 16.93 -6.21 18.19
C ILE A 341 16.57 -7.70 18.25
N ILE A 342 15.83 -8.19 17.25
CA ILE A 342 15.47 -9.60 17.21
C ILE A 342 16.72 -10.48 17.20
N GLU A 343 17.76 -10.07 16.48
CA GLU A 343 19.01 -10.83 16.48
C GLU A 343 19.80 -10.63 17.78
N GLU A 344 19.99 -9.38 18.23
CA GLU A 344 20.81 -9.12 19.41
C GLU A 344 20.25 -9.81 20.66
N ARG A 345 18.92 -9.81 20.81
CA ARG A 345 18.30 -10.35 22.00
C ARG A 345 17.78 -11.77 21.79
N ASP A 346 18.16 -12.41 20.68
CA ASP A 346 17.87 -13.83 20.49
C ASP A 346 16.38 -14.10 20.57
N LEU A 347 15.56 -13.22 19.99
CA LEU A 347 14.13 -13.35 20.17
C LEU A 347 13.54 -14.52 19.40
N VAL A 348 14.18 -14.99 18.32
CA VAL A 348 13.69 -16.18 17.65
C VAL A 348 13.75 -17.38 18.60
N ALA A 349 14.87 -17.54 19.29
CA ALA A 349 15.02 -18.62 20.27
C ALA A 349 14.09 -18.42 21.45
N ASN A 350 13.92 -17.17 21.91
CA ASN A 350 13.02 -16.94 23.03
C ASN A 350 11.60 -17.32 22.67
N ALA A 351 11.12 -16.86 21.51
CA ALA A 351 9.82 -17.26 21.02
C ALA A 351 9.71 -18.77 20.85
N ARG A 352 10.78 -19.40 20.33
CA ARG A 352 10.75 -20.87 20.21
C ARG A 352 10.54 -21.52 21.57
N ASP A 353 11.28 -21.08 22.57
CA ASP A 353 11.25 -21.76 23.87
C ASP A 353 10.01 -21.39 24.67
N ARG A 354 9.61 -20.12 24.67
CA ARG A 354 8.32 -19.79 25.27
C ARG A 354 7.19 -20.48 24.51
N GLY A 355 7.34 -20.62 23.20
CA GLY A 355 6.31 -21.29 22.41
C GLY A 355 6.15 -22.75 22.81
N THR A 356 7.27 -23.47 22.97
CA THR A 356 7.21 -24.84 23.43
C THR A 356 6.41 -24.94 24.73
N TYR A 357 6.64 -24.02 25.65
CA TYR A 357 5.93 -24.03 26.92
C TYR A 357 4.46 -23.67 26.74
N MET A 358 4.17 -22.67 25.91
CA MET A 358 2.77 -22.30 25.66
C MET A 358 2.01 -23.45 25.01
N GLN A 359 2.62 -24.10 24.01
CA GLN A 359 1.93 -25.19 23.32
C GLN A 359 1.61 -26.33 24.30
N LYS A 360 2.53 -26.61 25.20
CA LYS A 360 2.31 -27.66 26.20
C LYS A 360 1.22 -27.28 27.18
N ARG A 361 1.30 -26.06 27.75
CA ARG A 361 0.28 -25.61 28.69
C ARG A 361 -1.10 -25.61 28.06
N LEU A 362 -1.20 -25.15 26.80
CA LEU A 362 -2.53 -25.09 26.18
C LEU A 362 -3.08 -26.48 25.96
N ARG A 363 -2.24 -27.42 25.55
CA ARG A 363 -2.74 -28.77 25.31
C ARG A 363 -3.12 -29.49 26.60
N GLU A 364 -2.64 -29.00 27.75
CA GLU A 364 -3.14 -29.53 29.01
C GLU A 364 -4.62 -29.22 29.24
N LEU A 365 -5.20 -28.32 28.46
CA LEU A 365 -6.63 -28.02 28.54
C LEU A 365 -7.46 -28.88 27.61
N GLN A 366 -6.85 -29.84 26.92
CA GLN A 366 -7.59 -30.66 25.96
C GLN A 366 -8.79 -31.35 26.61
N ASP A 367 -8.63 -31.80 27.85
CA ASP A 367 -9.72 -32.53 28.48
C ASP A 367 -10.78 -31.62 29.07
N HIS A 368 -10.63 -30.30 28.97
CA HIS A 368 -11.68 -29.42 29.44
C HIS A 368 -12.96 -29.65 28.64
N PRO A 369 -14.13 -29.60 29.27
CA PRO A 369 -15.37 -29.90 28.55
C PRO A 369 -15.64 -28.99 27.34
N LEU A 370 -15.13 -27.76 27.32
CA LEU A 370 -15.39 -26.83 26.22
C LEU A 370 -14.33 -26.82 25.12
N VAL A 371 -13.26 -27.60 25.24
CA VAL A 371 -12.13 -27.53 24.32
C VAL A 371 -12.30 -28.61 23.25
N GLY A 372 -12.57 -28.17 22.02
CA GLY A 372 -12.68 -29.06 20.89
C GLY A 372 -11.33 -29.45 20.30
N GLU A 373 -10.48 -28.46 20.04
CA GLU A 373 -9.15 -28.71 19.50
C GLU A 373 -8.19 -27.65 20.02
N VAL A 374 -6.96 -28.06 20.31
CA VAL A 374 -5.85 -27.13 20.54
C VAL A 374 -4.88 -27.32 19.39
N ARG A 375 -4.55 -26.25 18.70
CA ARG A 375 -3.61 -26.32 17.59
C ARG A 375 -2.63 -25.16 17.67
N GLY A 376 -1.43 -25.38 17.16
CA GLY A 376 -0.45 -24.32 17.15
C GLY A 376 0.94 -24.86 16.92
N VAL A 377 1.84 -23.93 16.64
CA VAL A 377 3.26 -24.22 16.51
C VAL A 377 4.00 -22.98 16.97
N GLY A 378 5.17 -23.18 17.55
CA GLY A 378 5.95 -22.04 18.02
C GLY A 378 5.12 -21.17 18.94
N LEU A 379 5.09 -19.87 18.66
CA LEU A 379 4.38 -18.91 19.50
C LEU A 379 3.03 -18.50 18.92
N ILE A 380 2.34 -19.39 18.23
CA ILE A 380 0.98 -19.11 17.80
C ILE A 380 0.12 -20.34 18.03
N ALA A 381 -1.10 -20.13 18.53
CA ALA A 381 -1.98 -21.24 18.84
C ALA A 381 -3.43 -20.80 18.72
N GLY A 382 -4.30 -21.77 18.50
CA GLY A 382 -5.71 -21.56 18.58
C GLY A 382 -6.36 -22.61 19.46
N VAL A 383 -7.37 -22.19 20.21
CA VAL A 383 -8.19 -23.11 21.00
C VAL A 383 -9.61 -22.99 20.49
N GLU A 384 -10.08 -24.02 19.81
CA GLU A 384 -11.42 -24.03 19.24
C GLU A 384 -12.38 -24.63 20.26
N LEU A 385 -13.44 -23.89 20.58
CA LEU A 385 -14.36 -24.24 21.65
C LEU A 385 -15.59 -24.94 21.09
N VAL A 386 -16.11 -25.89 21.85
CA VAL A 386 -17.34 -26.61 21.50
C VAL A 386 -18.08 -26.94 22.79
N THR A 387 -19.35 -27.26 22.66
CA THR A 387 -20.12 -27.80 23.77
C THR A 387 -20.45 -29.29 23.58
N ASP A 388 -20.25 -29.84 22.39
CA ASP A 388 -20.51 -31.25 22.10
C ASP A 388 -19.30 -31.77 21.34
N LYS A 389 -18.41 -32.50 22.04
CA LYS A 389 -17.12 -32.83 21.45
C LYS A 389 -17.25 -33.77 20.27
N GLN A 390 -18.19 -34.71 20.34
CA GLN A 390 -18.31 -35.68 19.26
C GLN A 390 -18.88 -35.04 18.00
N ALA A 391 -19.89 -34.18 18.14
CA ALA A 391 -20.45 -33.48 17.00
C ALA A 391 -19.65 -32.23 16.60
N LYS A 392 -18.70 -31.80 17.43
CA LYS A 392 -17.87 -30.62 17.15
C LYS A 392 -18.71 -29.36 16.99
N THR A 393 -19.77 -29.26 17.78
CA THR A 393 -20.67 -28.12 17.68
C THR A 393 -20.61 -27.31 18.96
N GLY A 394 -20.94 -26.04 18.84
CA GLY A 394 -20.98 -25.16 20.00
C GLY A 394 -22.38 -24.59 20.20
N LEU A 395 -22.46 -23.33 20.61
CA LEU A 395 -23.74 -22.66 20.78
C LEU A 395 -24.28 -22.19 19.44
N GLU A 396 -25.56 -21.82 19.43
CA GLU A 396 -26.17 -21.26 18.24
C GLU A 396 -26.13 -19.73 18.30
N PRO A 397 -25.57 -19.08 17.27
CA PRO A 397 -24.87 -19.68 16.12
C PRO A 397 -23.40 -19.86 16.41
N THR A 398 -22.67 -20.54 15.52
CA THR A 398 -21.22 -20.63 15.67
C THR A 398 -20.62 -19.24 15.74
N GLY A 399 -19.80 -19.01 16.76
CA GLY A 399 -19.27 -17.69 17.09
C GLY A 399 -19.74 -17.19 18.43
N ALA A 400 -20.92 -17.60 18.87
CA ALA A 400 -21.43 -17.16 20.16
C ALA A 400 -20.58 -17.66 21.30
N LEU A 401 -20.12 -18.91 21.20
CA LEU A 401 -19.30 -19.47 22.28
C LEU A 401 -17.99 -18.73 22.40
N GLY A 402 -17.33 -18.49 21.27
CA GLY A 402 -16.08 -17.74 21.29
C GLY A 402 -16.27 -16.33 21.81
N ALA A 403 -17.36 -15.67 21.40
CA ALA A 403 -17.63 -14.31 21.89
C ALA A 403 -17.87 -14.29 23.39
N LYS A 404 -18.56 -15.31 23.91
CA LYS A 404 -18.80 -15.36 25.34
C LYS A 404 -17.50 -15.59 26.11
N ALA A 405 -16.67 -16.55 25.66
CA ALA A 405 -15.42 -16.80 26.34
C ALA A 405 -14.46 -15.61 26.23
N ASN A 406 -14.41 -14.97 25.07
CA ASN A 406 -13.46 -13.88 24.88
C ASN A 406 -13.78 -12.69 25.79
N ALA A 407 -15.07 -12.44 26.04
CA ALA A 407 -15.45 -11.36 26.95
C ALA A 407 -14.96 -11.65 28.35
N VAL A 408 -15.13 -12.88 28.83
CA VAL A 408 -14.64 -13.23 30.16
C VAL A 408 -13.13 -13.15 30.20
N LEU A 409 -12.46 -13.59 29.13
CA LEU A 409 -11.01 -13.57 29.11
C LEU A 409 -10.48 -12.15 29.21
N GLN A 410 -11.07 -11.24 28.46
CA GLN A 410 -10.72 -9.83 28.57
C GLN A 410 -10.89 -9.33 30.00
N GLU A 411 -12.05 -9.59 30.60
CA GLU A 411 -12.27 -9.22 32.00
C GLU A 411 -11.17 -9.77 32.91
N ARG A 412 -10.66 -10.96 32.60
CA ARG A 412 -9.55 -11.50 33.37
C ARG A 412 -8.18 -11.00 32.90
N GLY A 413 -8.15 -9.96 32.08
CA GLY A 413 -6.89 -9.30 31.77
C GLY A 413 -6.10 -9.86 30.59
N VAL A 414 -6.76 -10.55 29.66
CA VAL A 414 -6.09 -11.08 28.50
C VAL A 414 -6.90 -10.72 27.26
N ILE A 415 -6.26 -10.07 26.29
CA ILE A 415 -6.89 -9.72 25.03
C ILE A 415 -6.50 -10.78 24.01
N SER A 416 -7.49 -11.57 23.60
CA SER A 416 -7.39 -12.54 22.54
C SER A 416 -8.29 -12.12 21.40
N ARG A 417 -8.15 -12.76 20.25
CA ARG A 417 -9.07 -12.55 19.14
C ARG A 417 -9.93 -13.80 18.97
N ALA A 418 -11.25 -13.61 19.00
CA ALA A 418 -12.16 -14.71 18.70
C ALA A 418 -12.37 -14.77 17.19
N MET A 419 -11.95 -15.86 16.58
CA MET A 419 -12.17 -16.13 15.17
C MET A 419 -13.25 -17.21 15.13
N GLY A 420 -14.50 -16.77 15.09
CA GLY A 420 -15.59 -17.69 15.32
C GLY A 420 -15.50 -18.20 16.75
N ASP A 421 -15.49 -19.53 16.91
CA ASP A 421 -15.35 -20.15 18.22
C ASP A 421 -13.91 -20.55 18.54
N THR A 422 -12.94 -20.04 17.80
CA THR A 422 -11.54 -20.22 18.10
C THR A 422 -10.98 -18.97 18.76
N LEU A 423 -10.33 -19.14 19.92
CA LEU A 423 -9.55 -18.09 20.56
C LEU A 423 -8.10 -18.23 20.13
N ALA A 424 -7.52 -17.14 19.64
CA ALA A 424 -6.16 -17.16 19.14
C ALA A 424 -5.18 -16.59 20.17
N PHE A 425 -3.97 -17.15 20.22
CA PHE A 425 -2.92 -16.69 21.10
C PHE A 425 -1.65 -16.52 20.29
N CYS A 426 -1.12 -15.31 20.28
CA CYS A 426 -0.03 -14.89 19.43
C CYS A 426 0.69 -13.76 20.14
N PRO A 427 1.26 -13.99 21.33
CA PRO A 427 1.81 -12.89 22.13
C PRO A 427 3.13 -12.41 21.59
N PRO A 428 3.63 -11.27 22.06
CA PRO A 428 4.90 -10.75 21.53
C PRO A 428 6.07 -11.71 21.80
N LEU A 429 7.07 -11.64 20.92
CA LEU A 429 8.24 -12.52 21.02
C LEU A 429 9.01 -12.32 22.33
N ILE A 430 8.82 -11.19 22.99
CA ILE A 430 9.55 -10.89 24.24
C ILE A 430 8.90 -11.50 25.47
N ILE A 431 7.79 -12.22 25.32
CA ILE A 431 7.11 -12.76 26.48
C ILE A 431 8.03 -13.72 27.24
N ASN A 432 7.80 -13.89 28.54
CA ASN A 432 8.56 -14.87 29.30
C ASN A 432 7.65 -15.98 29.82
N ASP A 433 8.26 -17.03 30.37
CA ASP A 433 7.47 -18.19 30.80
C ASP A 433 6.47 -17.83 31.90
N GLN A 434 6.87 -16.92 32.79
CA GLN A 434 5.96 -16.48 33.83
C GLN A 434 4.72 -15.84 33.24
N GLN A 435 4.89 -15.02 32.21
CA GLN A 435 3.75 -14.37 31.57
C GLN A 435 2.91 -15.35 30.77
N VAL A 436 3.54 -16.34 30.13
CA VAL A 436 2.77 -17.40 29.46
C VAL A 436 1.89 -18.12 30.49
N ASP A 437 2.48 -18.44 31.65
CA ASP A 437 1.73 -19.12 32.69
C ASP A 437 0.52 -18.30 33.12
N THR A 438 0.71 -16.98 33.31
CA THR A 438 -0.42 -16.14 33.66
C THR A 438 -1.49 -16.16 32.58
N MET A 439 -1.08 -16.05 31.32
CA MET A 439 -2.04 -16.00 30.21
C MET A 439 -2.85 -17.29 30.12
N VAL A 440 -2.19 -18.44 30.22
CA VAL A 440 -2.91 -19.69 30.05
C VAL A 440 -3.78 -20.01 31.28
N SER A 441 -3.33 -19.62 32.47
CA SER A 441 -4.17 -19.77 33.65
C SER A 441 -5.42 -18.91 33.57
N ALA A 442 -5.29 -17.69 33.03
CA ALA A 442 -6.48 -16.87 32.82
C ALA A 442 -7.45 -17.56 31.86
N LEU A 443 -6.91 -18.26 30.85
CA LEU A 443 -7.78 -18.97 29.91
C LEU A 443 -8.48 -20.14 30.60
N GLU A 444 -7.75 -20.91 31.40
CA GLU A 444 -8.39 -22.00 32.11
C GLU A 444 -9.52 -21.49 33.00
N ALA A 445 -9.25 -20.43 33.76
CA ALA A 445 -10.29 -19.88 34.64
C ALA A 445 -11.46 -19.36 33.83
N THR A 446 -11.18 -18.79 32.66
CA THR A 446 -12.24 -18.34 31.76
C THR A 446 -13.13 -19.49 31.34
N LEU A 447 -12.53 -20.62 30.95
CA LEU A 447 -13.30 -21.75 30.48
C LEU A 447 -14.12 -22.36 31.63
N ASN A 448 -13.55 -22.43 32.82
CA ASN A 448 -14.33 -22.88 33.98
C ASN A 448 -15.52 -21.96 34.22
N ASP A 449 -15.32 -20.64 34.11
CA ASP A 449 -16.42 -19.70 34.25
C ASP A 449 -17.51 -19.91 33.22
N VAL A 450 -17.11 -20.03 31.94
CA VAL A 450 -18.10 -20.19 30.88
C VAL A 450 -18.83 -21.51 31.05
N GLN A 451 -18.12 -22.55 31.47
CA GLN A 451 -18.73 -23.86 31.69
C GLN A 451 -19.78 -23.78 32.78
N ALA A 452 -19.39 -23.28 33.95
CA ALA A 452 -20.33 -23.17 35.07
C ALA A 452 -21.55 -22.30 34.71
N SER A 453 -21.39 -21.35 33.80
CA SER A 453 -22.50 -20.48 33.46
C SER A 453 -23.40 -21.07 32.36
N LEU A 454 -22.90 -22.01 31.58
CA LEU A 454 -23.71 -22.61 30.52
C LEU A 454 -24.76 -23.56 31.08
N THR A 455 -24.63 -23.96 32.34
CA THR A 455 -25.67 -24.73 33.00
C THR A 455 -26.29 -23.92 34.15
N ARG A 456 -27.27 -23.06 33.86
CA ARG A 456 -27.74 -22.75 32.51
C ARG A 456 -28.41 -21.37 32.49
N PRO B 5 32.40 -2.23 -4.48
CA PRO B 5 31.92 -3.60 -4.17
C PRO B 5 30.88 -3.57 -3.06
N ASN B 6 31.23 -2.96 -1.93
CA ASN B 6 30.28 -2.76 -0.84
C ASN B 6 29.80 -1.31 -0.74
N SER B 7 29.98 -0.53 -1.80
CA SER B 7 29.42 0.81 -1.86
C SER B 7 27.89 0.75 -1.83
N LEU B 8 27.27 1.87 -1.45
CA LEU B 8 25.82 1.94 -1.45
C LEU B 8 25.25 1.66 -2.83
N GLU B 9 25.87 2.21 -3.88
CA GLU B 9 25.36 2.03 -5.23
C GLU B 9 25.41 0.55 -5.64
N ALA B 10 26.53 -0.12 -5.36
CA ALA B 10 26.70 -1.51 -5.74
C ALA B 10 25.71 -2.42 -4.98
N ARG B 11 25.49 -2.14 -3.69
CA ARG B 11 24.58 -2.95 -2.92
C ARG B 11 23.13 -2.74 -3.36
N ASP B 12 22.78 -1.51 -3.72
CA ASP B 12 21.45 -1.26 -4.29
C ASP B 12 21.25 -2.07 -5.57
N ILE B 13 22.26 -2.08 -6.45
CA ILE B 13 22.17 -2.86 -7.67
C ILE B 13 21.95 -4.34 -7.36
N ARG B 14 22.65 -4.85 -6.37
CA ARG B 14 22.63 -6.27 -6.08
C ARG B 14 21.28 -6.73 -5.50
N TYR B 15 20.67 -5.90 -4.64
CA TYR B 15 19.61 -6.42 -3.77
C TYR B 15 18.26 -5.76 -3.91
N HIS B 16 18.14 -4.62 -4.58
CA HIS B 16 16.96 -3.78 -4.48
C HIS B 16 16.27 -3.64 -5.85
N LEU B 17 15.06 -4.19 -5.98
CA LEU B 17 14.24 -3.98 -7.17
C LEU B 17 13.46 -2.67 -7.02
N HIS B 18 13.69 -1.74 -7.94
CA HIS B 18 13.11 -0.39 -7.87
C HIS B 18 11.79 -0.29 -8.61
N SER B 19 10.85 0.48 -8.04
CA SER B 19 9.72 0.98 -8.78
C SER B 19 10.13 1.90 -9.92
N TYR B 20 9.35 1.89 -11.00
CA TYR B 20 9.43 2.88 -12.06
C TYR B 20 10.87 3.09 -12.53
N THR B 21 11.55 1.97 -12.74
CA THR B 21 12.94 1.92 -13.12
C THR B 21 13.13 0.79 -14.11
N ASP B 22 13.88 1.05 -15.17
CA ASP B 22 14.37 0.00 -16.07
C ASP B 22 15.45 -0.80 -15.32
N ALA B 23 15.14 -2.05 -14.96
CA ALA B 23 16.03 -2.85 -14.13
C ALA B 23 17.37 -3.11 -14.79
N VAL B 24 17.38 -3.30 -16.12
CA VAL B 24 18.65 -3.56 -16.82
C VAL B 24 19.51 -2.31 -16.77
N ARG B 25 18.92 -1.14 -16.97
CA ARG B 25 19.67 0.10 -16.89
C ARG B 25 20.18 0.37 -15.47
N LEU B 26 19.36 0.08 -14.46
CA LEU B 26 19.81 0.23 -13.09
C LEU B 26 21.06 -0.61 -12.81
N GLU B 27 21.07 -1.86 -13.29
CA GLU B 27 22.27 -2.69 -13.09
C GLU B 27 23.50 -2.09 -13.75
N ALA B 28 23.34 -1.39 -14.87
CA ALA B 28 24.52 -0.81 -15.53
C ALA B 28 24.93 0.51 -14.90
N GLU B 29 23.97 1.32 -14.47
CA GLU B 29 24.26 2.68 -14.01
C GLU B 29 24.22 2.86 -12.50
N GLY B 30 23.45 2.03 -11.78
CA GLY B 30 23.27 2.24 -10.36
C GLY B 30 22.36 3.45 -10.11
N PRO B 31 21.94 3.62 -8.85
CA PRO B 31 21.06 4.74 -8.51
C PRO B 31 21.87 6.00 -8.18
N LEU B 32 21.18 7.13 -8.11
CA LEU B 32 21.66 8.29 -7.39
C LEU B 32 21.14 8.19 -5.95
N VAL B 33 22.04 8.17 -4.97
CA VAL B 33 21.66 7.90 -3.58
C VAL B 33 21.57 9.25 -2.85
N ILE B 34 20.41 9.52 -2.25
CA ILE B 34 20.18 10.77 -1.51
C ILE B 34 20.47 10.52 -0.03
N GLU B 35 21.16 11.47 0.59
CA GLU B 35 21.63 11.32 1.96
C GLU B 35 20.83 12.12 2.99
N ARG B 36 20.51 13.38 2.70
CA ARG B 36 19.91 14.23 3.71
C ARG B 36 19.16 15.38 3.08
N GLY B 37 18.28 15.98 3.86
CA GLY B 37 17.44 17.06 3.37
C GLY B 37 17.56 18.29 4.23
N ASP B 38 17.19 19.43 3.65
CA ASP B 38 17.31 20.71 4.33
C ASP B 38 16.38 21.70 3.63
N GLY B 39 15.21 21.95 4.22
CA GLY B 39 14.28 22.87 3.60
C GLY B 39 13.87 22.38 2.22
N ILE B 40 14.04 23.21 1.20
CA ILE B 40 13.69 22.79 -0.16
C ILE B 40 14.80 21.99 -0.83
N TYR B 41 15.91 21.75 -0.15
CA TYR B 41 17.09 21.12 -0.74
C TYR B 41 17.27 19.68 -0.26
N VAL B 42 17.87 18.87 -1.11
CA VAL B 42 18.39 17.57 -0.73
C VAL B 42 19.84 17.51 -1.16
N GLU B 43 20.58 16.60 -0.54
CA GLU B 43 22.00 16.43 -0.77
C GLU B 43 22.26 14.95 -1.03
N ASP B 44 22.97 14.63 -2.10
CA ASP B 44 23.28 13.25 -2.38
C ASP B 44 24.51 12.81 -1.58
N VAL B 45 24.81 11.52 -1.63
CA VAL B 45 25.90 10.98 -0.79
C VAL B 45 27.26 11.53 -1.20
N SER B 46 27.38 12.12 -2.39
CA SER B 46 28.62 12.76 -2.77
C SER B 46 28.71 14.20 -2.29
N GLY B 47 27.67 14.72 -1.67
CA GLY B 47 27.67 16.07 -1.13
C GLY B 47 27.03 17.12 -2.03
N LYS B 48 26.65 16.76 -3.25
CA LYS B 48 26.03 17.75 -4.13
C LYS B 48 24.63 18.10 -3.62
N ARG B 49 24.29 19.38 -3.65
CA ARG B 49 22.97 19.86 -3.21
C ARG B 49 22.10 20.26 -4.40
N TYR B 50 20.79 20.03 -4.25
CA TYR B 50 19.82 20.31 -5.31
C TYR B 50 18.58 20.94 -4.71
N ILE B 51 17.98 21.86 -5.47
CA ILE B 51 16.60 22.24 -5.21
C ILE B 51 15.71 21.06 -5.59
N GLU B 52 14.91 20.58 -4.63
CA GLU B 52 13.94 19.54 -4.93
C GLU B 52 12.68 20.21 -5.46
N ALA B 53 12.73 20.54 -6.75
CA ALA B 53 11.66 21.31 -7.35
C ALA B 53 10.40 20.47 -7.56
N MET B 54 10.46 19.16 -7.26
CA MET B 54 9.29 18.29 -7.28
C MET B 54 8.78 17.95 -5.89
N SER B 55 9.40 18.47 -4.84
CA SER B 55 9.01 18.08 -3.48
C SER B 55 9.03 16.56 -3.32
N GLY B 56 10.02 15.92 -3.91
CA GLY B 56 10.09 14.47 -3.85
C GLY B 56 9.15 13.87 -4.87
N LEU B 57 7.99 13.40 -4.44
CA LEU B 57 6.97 12.96 -5.41
C LEU B 57 5.74 13.84 -5.29
N LEU B 58 5.93 15.15 -5.47
CA LEU B 58 4.87 16.14 -5.33
C LEU B 58 4.22 16.09 -3.96
N SER B 59 5.03 15.81 -2.91
CA SER B 59 4.46 15.41 -1.63
C SER B 59 5.06 16.09 -0.40
N VAL B 60 6.30 16.56 -0.44
CA VAL B 60 6.99 17.00 0.79
C VAL B 60 6.69 18.49 0.95
N GLY B 61 5.47 18.77 1.40
CA GLY B 61 4.99 20.14 1.44
C GLY B 61 5.77 21.06 2.36
N VAL B 62 6.15 20.57 3.56
CA VAL B 62 6.83 21.42 4.54
C VAL B 62 8.34 21.39 4.39
N GLY B 63 8.84 20.77 3.33
CA GLY B 63 10.28 20.69 3.14
C GLY B 63 10.86 19.48 3.86
N PHE B 64 12.18 19.33 3.73
CA PHE B 64 12.86 18.10 4.09
C PHE B 64 13.56 18.16 5.45
N SER B 65 13.33 19.21 6.24
CA SER B 65 13.99 19.28 7.55
C SER B 65 13.06 19.97 8.53
N GLU B 66 11.95 19.30 8.87
CA GLU B 66 10.96 19.87 9.79
C GLU B 66 10.98 19.04 11.07
N PRO B 67 11.79 19.41 12.07
CA PRO B 67 11.94 18.54 13.24
C PRO B 67 10.70 18.45 14.12
N ARG B 68 9.73 19.34 13.99
CA ARG B 68 8.48 19.18 14.75
C ARG B 68 7.78 17.85 14.41
N LEU B 69 7.88 17.42 13.17
CA LEU B 69 7.22 16.17 12.77
C LEU B 69 7.93 14.95 13.39
N ALA B 70 9.26 15.00 13.49
CA ALA B 70 9.99 13.94 14.18
C ALA B 70 9.58 13.83 15.65
N GLU B 71 9.41 14.96 16.33
CA GLU B 71 8.98 14.93 17.72
C GLU B 71 7.56 14.39 17.86
N ALA B 72 6.66 14.73 16.93
CA ALA B 72 5.31 14.20 16.98
C ALA B 72 5.30 12.69 16.78
N ALA B 73 6.12 12.20 15.85
CA ALA B 73 6.22 10.78 15.60
C ALA B 73 6.75 10.06 16.84
N ALA B 74 7.87 10.54 17.39
CA ALA B 74 8.47 9.87 18.53
C ALA B 74 7.56 9.87 19.74
N ARG B 75 6.86 10.98 19.98
CA ARG B 75 5.97 11.08 21.11
C ARG B 75 4.88 10.03 21.07
N GLN B 76 4.26 9.85 19.90
CA GLN B 76 3.23 8.81 19.81
C GLN B 76 3.85 7.43 19.88
N MET B 77 5.00 7.23 19.23
CA MET B 77 5.63 5.92 19.21
C MET B 77 6.01 5.47 20.61
N LYS B 78 6.34 6.43 21.48
CA LYS B 78 6.70 6.17 22.88
C LYS B 78 5.49 6.01 23.77
N LYS B 79 4.30 6.31 23.27
CA LYS B 79 3.08 6.18 24.05
C LYS B 79 2.31 4.92 23.65
N LEU B 80 1.94 4.83 22.38
CA LEU B 80 1.25 3.66 21.84
C LEU B 80 1.69 3.55 20.38
N PRO B 81 2.70 2.75 20.08
CA PRO B 81 3.24 2.73 18.70
C PRO B 81 2.29 2.12 17.70
N PHE B 82 1.39 1.24 18.13
CA PHE B 82 0.43 0.65 17.20
C PHE B 82 -0.75 0.07 17.94
N TYR B 83 -1.92 0.22 17.33
CA TYR B 83 -3.09 -0.56 17.69
C TYR B 83 -4.08 -0.42 16.54
N HIS B 84 -5.09 -1.29 16.56
CA HIS B 84 -6.03 -1.39 15.45
C HIS B 84 -7.42 -0.87 15.77
N THR B 85 -7.63 -0.34 16.97
CA THR B 85 -8.97 -0.34 17.57
C THR B 85 -9.78 0.93 17.33
N PHE B 86 -9.19 2.09 17.57
CA PHE B 86 -9.89 3.38 17.62
C PHE B 86 -11.22 3.44 16.87
N HIS B 91 -10.98 9.98 21.78
CA HIS B 91 -9.77 10.77 21.56
C HIS B 91 -8.70 9.89 20.91
N GLY B 92 -7.51 10.45 20.68
CA GLY B 92 -6.44 9.72 20.01
C GLY B 92 -6.17 10.31 18.63
N PRO B 93 -4.97 10.08 18.10
CA PRO B 93 -4.61 10.76 16.85
C PRO B 93 -5.45 10.34 15.65
N VAL B 94 -5.93 9.10 15.58
CA VAL B 94 -6.75 8.71 14.44
C VAL B 94 -8.13 9.40 14.49
N ILE B 95 -8.75 9.43 15.67
CA ILE B 95 -10.01 10.12 15.84
C ILE B 95 -9.85 11.62 15.58
N ASP B 96 -8.79 12.21 16.13
CA ASP B 96 -8.55 13.62 15.94
C ASP B 96 -8.32 13.97 14.46
N LEU B 97 -7.60 13.11 13.74
CA LEU B 97 -7.32 13.41 12.34
C LEU B 97 -8.57 13.30 11.48
N ALA B 98 -9.38 12.26 11.71
CA ALA B 98 -10.64 12.12 10.98
C ALA B 98 -11.52 13.34 11.19
N GLU B 99 -11.62 13.80 12.44
CA GLU B 99 -12.45 14.97 12.73
C GLU B 99 -11.88 16.21 12.02
N LYS B 100 -10.58 16.39 12.07
CA LYS B 100 -9.95 17.54 11.41
C LYS B 100 -10.19 17.52 9.91
N LEU B 101 -10.06 16.35 9.27
CA LEU B 101 -10.22 16.28 7.82
C LEU B 101 -11.66 16.55 7.40
N VAL B 102 -12.63 16.01 8.14
CA VAL B 102 -14.01 16.32 7.82
C VAL B 102 -14.24 17.82 7.96
N SER B 103 -13.71 18.42 9.02
CA SER B 103 -13.95 19.85 9.24
C SER B 103 -13.30 20.71 8.17
N MET B 104 -12.23 20.23 7.52
CA MET B 104 -11.54 21.00 6.49
C MET B 104 -12.13 20.81 5.09
N ALA B 105 -13.06 19.89 4.92
CA ALA B 105 -13.44 19.48 3.58
C ALA B 105 -14.01 20.67 2.79
N PRO B 106 -13.74 20.75 1.50
CA PRO B 106 -14.27 21.86 0.70
C PRO B 106 -15.77 21.78 0.46
N VAL B 107 -16.38 20.61 0.65
CA VAL B 107 -17.83 20.43 0.62
C VAL B 107 -18.21 19.61 1.85
N PRO B 108 -19.49 19.62 2.25
CA PRO B 108 -19.90 18.82 3.39
C PRO B 108 -19.51 17.34 3.20
N MET B 109 -18.88 16.78 4.23
CA MET B 109 -18.51 15.38 4.26
C MET B 109 -18.96 14.78 5.59
N SER B 110 -19.09 13.45 5.61
CA SER B 110 -19.62 12.73 6.75
C SER B 110 -18.60 11.86 7.47
N LYS B 111 -17.76 11.12 6.73
CA LYS B 111 -16.86 10.14 7.33
C LYS B 111 -15.51 10.18 6.63
N ALA B 112 -14.45 9.89 7.41
CA ALA B 112 -13.10 9.75 6.92
C ALA B 112 -12.62 8.32 7.14
N TYR B 113 -11.94 7.76 6.13
CA TYR B 113 -11.35 6.42 6.19
C TYR B 113 -9.85 6.54 5.89
N PHE B 114 -9.03 5.69 6.53
CA PHE B 114 -7.59 5.77 6.39
C PHE B 114 -7.00 4.53 5.75
N THR B 115 -5.97 4.75 4.94
CA THR B 115 -5.16 3.69 4.34
C THR B 115 -3.71 4.11 4.44
N ASN B 116 -2.82 3.30 3.88
CA ASN B 116 -1.43 3.70 3.84
C ASN B 116 -1.08 4.55 2.62
N SER B 117 -1.65 4.21 1.48
CA SER B 117 -1.26 4.82 0.21
C SER B 117 -2.48 5.36 -0.51
N GLY B 118 -2.21 6.26 -1.46
CA GLY B 118 -3.26 6.72 -2.37
C GLY B 118 -3.84 5.58 -3.19
N SER B 119 -2.99 4.65 -3.63
CA SER B 119 -3.43 3.48 -4.36
C SER B 119 -4.44 2.66 -3.54
N GLU B 120 -4.12 2.38 -2.27
CA GLU B 120 -5.07 1.65 -1.43
C GLU B 120 -6.36 2.45 -1.23
N ALA B 121 -6.26 3.76 -1.09
CA ALA B 121 -7.44 4.58 -0.92
C ALA B 121 -8.38 4.45 -2.12
N ASN B 122 -7.85 4.65 -3.32
CA ASN B 122 -8.67 4.55 -4.52
C ASN B 122 -9.20 3.13 -4.71
N ASP B 123 -8.39 2.14 -4.40
CA ASP B 123 -8.83 0.74 -4.47
C ASP B 123 -10.03 0.51 -3.53
N THR B 124 -9.92 0.99 -2.29
CA THR B 124 -11.00 0.85 -1.33
C THR B 124 -12.25 1.64 -1.76
N VAL B 125 -12.06 2.83 -2.33
CA VAL B 125 -13.20 3.58 -2.84
C VAL B 125 -13.97 2.74 -3.86
N VAL B 126 -13.25 2.11 -4.81
CA VAL B 126 -13.92 1.29 -5.81
C VAL B 126 -14.69 0.14 -5.12
N LYS B 127 -14.06 -0.50 -4.14
CA LYS B 127 -14.70 -1.60 -3.44
C LYS B 127 -15.95 -1.12 -2.69
N LEU B 128 -15.85 0.02 -2.03
CA LEU B 128 -16.98 0.58 -1.29
C LEU B 128 -18.13 0.91 -2.25
N ILE B 129 -17.81 1.43 -3.42
CA ILE B 129 -18.84 1.78 -4.41
C ILE B 129 -19.57 0.52 -4.88
N TRP B 130 -18.83 -0.57 -5.15
CA TRP B 130 -19.49 -1.81 -5.56
C TRP B 130 -20.37 -2.37 -4.43
N TYR B 131 -19.84 -2.38 -3.22
CA TYR B 131 -20.61 -2.81 -2.07
C TYR B 131 -21.88 -1.97 -1.93
N ARG B 132 -21.75 -0.66 -2.10
CA ARG B 132 -22.86 0.26 -1.95
C ARG B 132 -23.94 0.02 -3.01
N SER B 133 -23.54 -0.17 -4.26
CA SER B 133 -24.53 -0.45 -5.31
C SER B 133 -25.25 -1.77 -5.05
N ASN B 134 -24.55 -2.77 -4.51
CA ASN B 134 -25.21 -4.01 -4.12
C ASN B 134 -26.19 -3.77 -2.97
N ALA B 135 -25.80 -2.99 -1.97
CA ALA B 135 -26.72 -2.67 -0.87
C ALA B 135 -27.96 -1.91 -1.38
N LEU B 136 -27.80 -1.10 -2.42
CA LEU B 136 -28.92 -0.39 -3.02
C LEU B 136 -29.77 -1.26 -3.93
N GLY B 137 -29.39 -2.51 -4.15
CA GLY B 137 -30.11 -3.36 -5.09
C GLY B 137 -29.90 -2.98 -6.54
N GLU B 138 -28.72 -2.48 -6.89
CA GLU B 138 -28.37 -2.09 -8.25
C GLU B 138 -27.11 -2.88 -8.66
N PRO B 139 -27.24 -4.17 -8.92
CA PRO B 139 -26.08 -5.00 -9.18
C PRO B 139 -25.32 -4.62 -10.45
N GLU B 140 -25.94 -3.88 -11.35
CA GLU B 140 -25.29 -3.46 -12.59
C GLU B 140 -24.56 -2.13 -12.48
N ARG B 141 -24.82 -1.32 -11.45
CA ARG B 141 -24.20 0.01 -11.38
C ARG B 141 -22.83 -0.14 -10.74
N LYS B 142 -21.87 -0.54 -11.57
CA LYS B 142 -20.54 -0.93 -11.10
C LYS B 142 -19.40 -0.33 -11.91
N LYS B 143 -19.67 0.32 -13.04
CA LYS B 143 -18.59 0.79 -13.90
C LYS B 143 -18.06 2.12 -13.37
N ILE B 144 -16.75 2.32 -13.51
CA ILE B 144 -16.08 3.54 -13.10
C ILE B 144 -15.46 4.14 -14.34
N ILE B 145 -15.70 5.43 -14.56
CA ILE B 145 -15.10 6.13 -15.67
C ILE B 145 -13.90 6.93 -15.15
N SER B 146 -12.74 6.68 -15.75
CA SER B 146 -11.51 7.41 -15.51
C SER B 146 -11.12 8.11 -16.80
N ARG B 147 -9.95 8.69 -16.84
CA ARG B 147 -9.53 9.45 -18.01
C ARG B 147 -8.15 9.02 -18.50
N LYS B 148 -7.97 9.06 -19.81
CA LYS B 148 -6.64 8.87 -20.37
C LYS B 148 -5.67 9.87 -19.75
N ARG B 149 -4.49 9.39 -19.39
CA ARG B 149 -3.42 10.16 -18.74
C ARG B 149 -3.74 10.53 -17.30
N GLY B 150 -4.90 10.12 -16.76
CA GLY B 150 -5.10 10.20 -15.32
C GLY B 150 -4.18 9.24 -14.58
N TYR B 151 -3.94 9.54 -13.31
CA TYR B 151 -3.09 8.67 -12.49
C TYR B 151 -3.71 8.51 -11.13
N HIS B 152 -3.94 7.27 -10.73
CA HIS B 152 -4.70 6.99 -9.53
C HIS B 152 -4.08 5.89 -8.68
N GLY B 153 -2.87 5.44 -9.02
CA GLY B 153 -2.15 4.48 -8.21
C GLY B 153 -1.91 3.19 -8.96
N VAL B 154 -1.47 2.17 -8.22
CA VAL B 154 -0.85 1.01 -8.83
C VAL B 154 -1.33 -0.33 -8.26
N THR B 155 -2.39 -0.36 -7.46
CA THR B 155 -2.96 -1.68 -7.23
C THR B 155 -3.62 -2.16 -8.51
N ILE B 156 -4.00 -3.44 -8.54
CA ILE B 156 -4.59 -3.95 -9.77
C ILE B 156 -5.81 -3.11 -10.17
N ALA B 157 -6.63 -2.73 -9.20
CA ALA B 157 -7.79 -1.91 -9.49
C ALA B 157 -7.39 -0.44 -9.76
N SER B 158 -6.54 0.14 -8.93
CA SER B 158 -6.27 1.56 -9.12
C SER B 158 -5.31 1.80 -10.30
N ALA B 159 -4.44 0.85 -10.61
CA ALA B 159 -3.67 0.91 -11.85
C ALA B 159 -4.57 0.81 -13.08
N SER B 160 -5.72 0.15 -12.94
CA SER B 160 -6.71 0.14 -14.02
C SER B 160 -7.36 1.49 -14.18
N LEU B 161 -7.64 2.18 -13.07
CA LEU B 161 -8.15 3.56 -13.14
C LEU B 161 -7.14 4.46 -13.83
N THR B 162 -5.87 4.28 -13.52
CA THR B 162 -4.80 5.03 -14.15
C THR B 162 -4.88 4.88 -15.66
N GLY B 163 -4.62 5.99 -16.37
CA GLY B 163 -4.82 6.01 -17.81
C GLY B 163 -3.53 6.21 -18.60
N LEU B 164 -2.42 5.67 -18.06
CA LEU B 164 -1.11 5.81 -18.68
C LEU B 164 -0.64 4.44 -19.16
N PRO B 165 -0.13 4.34 -20.38
CA PRO B 165 0.18 3.02 -20.95
C PRO B 165 1.24 2.24 -20.18
N ASN B 166 2.25 2.92 -19.64
CA ASN B 166 3.26 2.23 -18.84
C ASN B 166 2.64 1.50 -17.65
N ASN B 167 1.49 1.97 -17.16
CA ASN B 167 0.88 1.30 -16.02
C ASN B 167 0.04 0.09 -16.42
N HIS B 168 -0.18 -0.10 -17.72
CA HIS B 168 -0.98 -1.21 -18.25
C HIS B 168 -0.17 -2.23 -19.05
N ARG B 169 0.81 -1.79 -19.82
CA ARG B 169 1.53 -2.70 -20.72
C ARG B 169 2.09 -3.91 -20.01
N SER B 170 1.76 -5.10 -20.53
CA SER B 170 2.20 -6.40 -19.99
C SER B 170 1.66 -6.70 -18.60
N PHE B 171 0.84 -5.82 -18.03
CA PHE B 171 0.19 -6.09 -16.76
C PHE B 171 -1.22 -6.66 -16.91
N ASP B 172 -1.73 -6.78 -18.16
CA ASP B 172 -3.08 -7.26 -18.41
C ASP B 172 -4.16 -6.32 -17.87
N LEU B 173 -3.85 -5.05 -17.76
CA LEU B 173 -4.80 -4.07 -17.22
C LEU B 173 -5.26 -3.18 -18.35
N PRO B 174 -6.38 -2.46 -18.17
CA PRO B 174 -7.29 -2.40 -17.03
C PRO B 174 -8.21 -3.61 -16.87
N ILE B 175 -8.63 -3.87 -15.64
CA ILE B 175 -9.63 -4.90 -15.40
C ILE B 175 -10.97 -4.43 -15.97
N ASP B 176 -11.87 -5.39 -16.10
CA ASP B 176 -13.23 -5.09 -16.53
C ASP B 176 -13.88 -4.12 -15.52
N ARG B 177 -14.78 -3.30 -16.05
CA ARG B 177 -15.58 -2.30 -15.34
C ARG B 177 -14.95 -0.94 -15.33
N ILE B 178 -13.70 -0.80 -15.72
CA ILE B 178 -13.03 0.51 -15.71
C ILE B 178 -13.00 1.02 -17.15
N LEU B 179 -13.58 2.20 -17.37
CA LEU B 179 -13.63 2.85 -18.66
C LEU B 179 -12.77 4.11 -18.62
N HIS B 180 -12.23 4.51 -19.77
CA HIS B 180 -11.46 5.75 -19.86
C HIS B 180 -12.03 6.64 -20.95
N THR B 181 -12.33 7.88 -20.59
CA THR B 181 -12.75 8.90 -21.54
C THR B 181 -11.53 9.79 -21.81
N GLY B 182 -11.74 10.89 -22.52
CA GLY B 182 -10.61 11.62 -23.07
C GLY B 182 -9.80 12.42 -22.06
N CYS B 183 -8.55 12.67 -22.43
CA CYS B 183 -7.68 13.55 -21.64
C CYS B 183 -8.00 15.02 -21.95
N PRO B 184 -8.28 15.86 -20.92
CA PRO B 184 -8.60 17.28 -21.18
C PRO B 184 -7.38 18.15 -21.37
N HIS B 185 -6.54 17.80 -22.36
CA HIS B 185 -5.31 18.55 -22.63
C HIS B 185 -5.46 19.28 -23.97
N PHE B 186 -5.81 20.56 -23.91
CA PHE B 186 -6.16 21.30 -25.11
C PHE B 186 -5.00 21.35 -26.10
N TYR B 187 -3.78 21.59 -25.60
CA TYR B 187 -2.61 21.67 -26.47
C TYR B 187 -2.40 20.39 -27.28
N ARG B 188 -2.67 19.24 -26.69
CA ARG B 188 -2.45 17.97 -27.39
C ARG B 188 -3.70 17.37 -28.02
N GLU B 189 -4.90 17.82 -27.63
CA GLU B 189 -6.12 17.17 -28.08
C GLU B 189 -7.04 18.07 -28.87
N GLY B 190 -6.88 19.39 -28.78
CA GLY B 190 -7.77 20.29 -29.48
C GLY B 190 -7.61 20.15 -30.98
N GLN B 191 -8.71 20.25 -31.69
CA GLN B 191 -8.68 20.08 -33.14
C GLN B 191 -8.40 21.43 -33.80
N ALA B 192 -8.07 21.38 -35.09
CA ALA B 192 -7.85 22.63 -35.81
C ALA B 192 -9.09 23.50 -35.74
N GLY B 193 -8.90 24.77 -35.33
CA GLY B 193 -9.99 25.72 -35.26
C GLY B 193 -10.93 25.56 -34.07
N GLU B 194 -10.61 24.66 -33.14
CA GLU B 194 -11.42 24.48 -31.94
C GLU B 194 -10.89 25.40 -30.85
N SER B 195 -11.78 26.13 -30.18
CA SER B 195 -11.38 26.96 -29.05
C SER B 195 -11.32 26.11 -27.76
N GLU B 196 -10.71 26.69 -26.72
CA GLU B 196 -10.60 26.01 -25.45
C GLU B 196 -11.98 25.61 -24.90
N GLU B 197 -12.93 26.54 -24.91
CA GLU B 197 -14.24 26.22 -24.39
C GLU B 197 -15.00 25.24 -25.30
N GLN B 198 -14.80 25.31 -26.60
CA GLN B 198 -15.41 24.33 -27.48
C GLN B 198 -14.85 22.94 -27.19
N PHE B 199 -13.55 22.86 -26.92
CA PHE B 199 -12.92 21.59 -26.57
C PHE B 199 -13.55 21.04 -25.28
N ALA B 200 -13.82 21.90 -24.32
CA ALA B 200 -14.49 21.46 -23.09
C ALA B 200 -15.88 20.94 -23.39
N THR B 201 -16.62 21.64 -24.22
CA THR B 201 -17.93 21.16 -24.65
C THR B 201 -17.81 19.79 -25.31
N ARG B 202 -16.83 19.62 -26.21
CA ARG B 202 -16.69 18.34 -26.88
C ARG B 202 -16.36 17.22 -25.87
N LEU B 203 -15.52 17.51 -24.87
CA LEU B 203 -15.18 16.49 -23.89
C LEU B 203 -16.40 16.06 -23.07
N ALA B 204 -17.23 17.02 -22.67
CA ALA B 204 -18.45 16.67 -21.95
C ALA B 204 -19.42 15.87 -22.82
N ASP B 205 -19.50 16.21 -24.11
CA ASP B 205 -20.34 15.46 -25.04
C ASP B 205 -19.84 14.03 -25.23
N GLU B 206 -18.53 13.86 -25.36
CA GLU B 206 -17.97 12.53 -25.48
C GLU B 206 -18.19 11.72 -24.20
N LEU B 207 -18.10 12.38 -23.05
CA LEU B 207 -18.42 11.71 -21.79
C LEU B 207 -19.89 11.24 -21.78
N GLU B 208 -20.80 12.13 -22.18
CA GLU B 208 -22.21 11.75 -22.20
C GLU B 208 -22.48 10.63 -23.21
N GLN B 209 -21.79 10.67 -24.36
CA GLN B 209 -21.93 9.61 -25.34
C GLN B 209 -21.46 8.28 -24.80
N LEU B 210 -20.36 8.27 -24.04
CA LEU B 210 -19.90 7.06 -23.39
C LEU B 210 -20.95 6.54 -22.39
N ILE B 211 -21.47 7.42 -21.55
CA ILE B 211 -22.46 7.03 -20.55
C ILE B 211 -23.69 6.41 -21.23
N ILE B 212 -24.18 7.07 -22.28
CA ILE B 212 -25.35 6.54 -22.98
C ILE B 212 -25.05 5.20 -23.60
N ALA B 213 -23.89 5.07 -24.25
CA ALA B 213 -23.56 3.82 -24.94
C ALA B 213 -23.36 2.67 -23.95
N GLU B 214 -22.79 2.94 -22.79
CA GLU B 214 -22.60 1.88 -21.80
C GLU B 214 -23.90 1.50 -21.09
N GLY B 215 -24.92 2.36 -21.13
CA GLY B 215 -26.09 2.25 -20.29
C GLY B 215 -25.89 3.05 -19.02
N PRO B 216 -26.54 4.23 -18.93
CA PRO B 216 -26.30 5.09 -17.76
C PRO B 216 -26.53 4.39 -16.43
N HIS B 217 -27.47 3.45 -16.38
CA HIS B 217 -27.72 2.70 -15.16
C HIS B 217 -26.55 1.79 -14.76
N THR B 218 -25.54 1.62 -15.62
CA THR B 218 -24.40 0.77 -15.27
C THR B 218 -23.21 1.57 -14.76
N ILE B 219 -23.28 2.91 -14.77
CA ILE B 219 -22.15 3.77 -14.41
C ILE B 219 -22.29 4.18 -12.95
N ALA B 220 -21.33 3.80 -12.12
CA ALA B 220 -21.39 4.13 -10.70
C ALA B 220 -20.72 5.46 -10.38
N ALA B 221 -19.57 5.75 -10.99
CA ALA B 221 -18.78 6.90 -10.57
C ALA B 221 -17.86 7.35 -11.69
N PHE B 222 -17.44 8.60 -11.57
CA PHE B 222 -16.43 9.23 -12.41
C PHE B 222 -15.31 9.70 -11.49
N ILE B 223 -14.06 9.40 -11.84
CA ILE B 223 -12.93 9.81 -11.01
C ILE B 223 -12.03 10.76 -11.81
N GLY B 224 -11.62 11.84 -11.16
CA GLY B 224 -10.65 12.75 -11.76
C GLY B 224 -9.83 13.53 -10.75
N GLU B 225 -8.57 13.74 -11.08
CA GLU B 225 -7.77 14.76 -10.43
C GLU B 225 -8.22 16.14 -10.93
N PRO B 226 -8.30 17.13 -10.05
CA PRO B 226 -8.60 18.50 -10.54
C PRO B 226 -7.60 18.92 -11.61
N VAL B 227 -6.32 18.72 -11.34
CA VAL B 227 -5.23 18.87 -12.31
C VAL B 227 -4.48 17.54 -12.34
N MET B 228 -4.25 17.02 -13.53
CA MET B 228 -3.56 15.72 -13.65
C MET B 228 -2.08 15.91 -13.37
N GLY B 229 -1.57 15.21 -12.36
CA GLY B 229 -0.17 15.36 -12.00
C GLY B 229 0.77 14.50 -12.83
N ALA B 230 0.82 13.21 -12.49
CA ALA B 230 1.73 12.29 -13.16
C ALA B 230 1.53 12.25 -14.67
N GLY B 231 0.32 12.58 -15.13
CA GLY B 231 0.06 12.61 -16.56
C GLY B 231 0.67 13.80 -17.28
N GLY B 232 1.32 14.71 -16.56
CA GLY B 232 2.01 15.82 -17.19
C GLY B 232 1.52 17.20 -16.80
N VAL B 233 0.98 17.34 -15.60
CA VAL B 233 0.45 18.62 -15.13
C VAL B 233 -0.54 19.17 -16.17
N VAL B 234 -1.60 18.41 -16.43
CA VAL B 234 -2.61 18.81 -17.41
C VAL B 234 -3.68 19.63 -16.70
N VAL B 235 -3.77 20.90 -17.03
CA VAL B 235 -4.79 21.80 -16.50
C VAL B 235 -5.98 21.70 -17.47
N PRO B 236 -7.18 21.42 -16.98
CA PRO B 236 -8.32 21.24 -17.89
C PRO B 236 -8.72 22.59 -18.46
N PRO B 237 -9.39 22.60 -19.61
CA PRO B 237 -9.80 23.88 -20.20
C PRO B 237 -10.87 24.53 -19.34
N LYS B 238 -11.00 25.85 -19.50
CA LYS B 238 -12.04 26.54 -18.77
C LYS B 238 -13.41 26.00 -19.19
N THR B 239 -14.30 25.87 -18.20
CA THR B 239 -15.66 25.34 -18.29
C THR B 239 -15.71 23.83 -18.27
N TYR B 240 -14.56 23.13 -18.33
CA TYR B 240 -14.58 21.67 -18.34
C TYR B 240 -15.32 21.10 -17.14
N TRP B 241 -14.90 21.48 -15.94
CA TRP B 241 -15.48 20.85 -14.76
C TRP B 241 -16.94 21.19 -14.57
N GLU B 242 -17.36 22.40 -14.97
CA GLU B 242 -18.77 22.75 -14.93
C GLU B 242 -19.58 21.88 -15.88
N LYS B 243 -19.11 21.73 -17.12
CA LYS B 243 -19.83 20.93 -18.10
C LYS B 243 -19.80 19.45 -17.75
N VAL B 244 -18.68 18.95 -17.24
CA VAL B 244 -18.62 17.54 -16.83
C VAL B 244 -19.62 17.29 -15.69
N GLN B 245 -19.63 18.16 -14.69
CA GLN B 245 -20.52 17.94 -13.55
C GLN B 245 -21.99 17.97 -13.95
N ALA B 246 -22.34 18.80 -14.92
CA ALA B 246 -23.71 18.81 -15.43
C ALA B 246 -24.10 17.45 -16.01
N VAL B 247 -23.21 16.83 -16.78
CA VAL B 247 -23.45 15.49 -17.31
C VAL B 247 -23.60 14.48 -16.19
N LEU B 248 -22.65 14.45 -15.25
CA LEU B 248 -22.70 13.48 -14.17
C LEU B 248 -24.00 13.62 -13.38
N LYS B 249 -24.41 14.84 -13.08
CA LYS B 249 -25.61 15.05 -12.29
C LYS B 249 -26.84 14.54 -13.04
N ARG B 250 -26.86 14.69 -14.36
CA ARG B 250 -27.97 14.25 -15.18
C ARG B 250 -28.22 12.75 -15.08
N TYR B 251 -27.17 11.96 -14.81
CA TYR B 251 -27.30 10.51 -14.74
C TYR B 251 -27.06 9.96 -13.35
N ASP B 252 -26.99 10.83 -12.33
CA ASP B 252 -26.82 10.43 -10.94
C ASP B 252 -25.55 9.63 -10.72
N ILE B 253 -24.46 10.07 -11.34
CA ILE B 253 -23.16 9.39 -11.23
C ILE B 253 -22.35 10.09 -10.16
N LEU B 254 -21.74 9.32 -9.26
CA LEU B 254 -20.92 9.90 -8.20
C LEU B 254 -19.64 10.53 -8.77
N LEU B 255 -19.21 11.63 -8.16
CA LEU B 255 -17.96 12.30 -8.52
C LEU B 255 -16.91 12.02 -7.44
N ILE B 256 -15.81 11.40 -7.84
CA ILE B 256 -14.66 11.17 -6.98
C ILE B 256 -13.57 12.19 -7.37
N ALA B 257 -13.20 13.05 -6.43
CA ALA B 257 -12.09 13.97 -6.63
C ALA B 257 -10.83 13.33 -6.04
N ASP B 258 -9.87 13.03 -6.91
CA ASP B 258 -8.58 12.50 -6.47
C ASP B 258 -7.66 13.68 -6.18
N GLU B 259 -7.56 14.07 -4.91
CA GLU B 259 -6.77 15.23 -4.49
C GLU B 259 -5.42 14.82 -3.91
N VAL B 260 -4.92 13.64 -4.28
CA VAL B 260 -3.67 13.15 -3.70
C VAL B 260 -2.54 14.16 -3.93
N ILE B 261 -2.48 14.76 -5.12
CA ILE B 261 -1.51 15.81 -5.36
C ILE B 261 -2.07 17.20 -5.06
N CYS B 262 -3.31 17.49 -5.45
CA CYS B 262 -3.79 18.87 -5.32
C CYS B 262 -4.07 19.26 -3.88
N GLY B 263 -4.21 18.32 -2.97
CA GLY B 263 -4.68 18.63 -1.63
C GLY B 263 -3.65 19.40 -0.82
N PHE B 264 -4.17 20.22 0.10
CA PHE B 264 -3.39 20.94 1.11
C PHE B 264 -2.52 22.02 0.52
N GLY B 265 -3.07 22.81 -0.41
CA GLY B 265 -2.47 24.08 -0.82
C GLY B 265 -1.76 24.11 -2.15
N ARG B 266 -1.69 22.99 -2.87
CA ARG B 266 -0.87 22.90 -4.06
C ARG B 266 -1.35 23.82 -5.19
N THR B 267 -2.65 24.04 -5.31
CA THR B 267 -3.19 24.72 -6.50
C THR B 267 -3.61 26.17 -6.21
N GLY B 268 -3.21 26.73 -5.08
CA GLY B 268 -3.60 28.08 -4.73
C GLY B 268 -4.77 28.17 -3.79
N ASN B 269 -5.41 27.04 -3.52
CA ASN B 269 -6.41 26.92 -2.46
C ASN B 269 -6.09 25.67 -1.67
N LEU B 270 -6.78 25.50 -0.54
CA LEU B 270 -6.56 24.29 0.24
C LEU B 270 -6.70 23.03 -0.63
N PHE B 271 -7.78 22.97 -1.44
CA PHE B 271 -8.05 21.82 -2.29
C PHE B 271 -8.26 22.24 -3.74
N GLY B 272 -7.82 21.39 -4.67
CA GLY B 272 -8.05 21.65 -6.08
C GLY B 272 -9.54 21.71 -6.40
N SER B 273 -10.35 21.03 -5.60
CA SER B 273 -11.80 21.10 -5.82
C SER B 273 -12.32 22.52 -5.66
N GLN B 274 -11.72 23.28 -4.75
CA GLN B 274 -12.13 24.69 -4.61
C GLN B 274 -11.65 25.49 -5.79
N THR B 275 -10.40 25.27 -6.23
CA THR B 275 -9.84 26.00 -7.35
C THR B 275 -10.69 25.84 -8.60
N PHE B 276 -11.22 24.64 -8.83
CA PHE B 276 -11.95 24.33 -10.04
C PHE B 276 -13.45 24.19 -9.84
N ASP B 277 -13.96 24.60 -8.68
CA ASP B 277 -15.38 24.54 -8.36
C ASP B 277 -15.96 23.15 -8.61
N MET B 278 -15.30 22.15 -8.05
CA MET B 278 -15.78 20.78 -8.08
C MET B 278 -16.53 20.46 -6.80
N LYS B 279 -17.58 19.66 -6.91
CA LYS B 279 -18.42 19.30 -5.78
C LYS B 279 -18.42 17.78 -5.66
N PRO B 280 -17.30 17.20 -5.21
CA PRO B 280 -17.20 15.74 -5.17
C PRO B 280 -18.08 15.11 -4.11
N ASP B 281 -18.47 13.87 -4.37
CA ASP B 281 -19.10 13.02 -3.35
C ASP B 281 -18.07 12.29 -2.48
N ILE B 282 -16.89 12.05 -3.05
CA ILE B 282 -15.80 11.33 -2.41
C ILE B 282 -14.52 12.12 -2.71
N LEU B 283 -13.67 12.30 -1.70
CA LEU B 283 -12.43 13.06 -1.85
C LEU B 283 -11.27 12.22 -1.31
N VAL B 284 -10.23 12.04 -2.13
CA VAL B 284 -9.10 11.17 -1.80
C VAL B 284 -7.88 12.03 -1.56
N MET B 285 -7.15 11.75 -0.48
CA MET B 285 -6.01 12.55 -0.06
C MET B 285 -4.82 11.65 0.27
N SER B 286 -3.62 12.19 0.06
CA SER B 286 -2.40 11.58 0.56
C SER B 286 -1.27 12.61 0.50
N LYS B 287 -0.03 12.13 0.50
CA LYS B 287 1.11 12.99 0.17
C LYS B 287 1.25 14.18 1.10
N GLN B 288 0.76 15.36 0.67
CA GLN B 288 0.94 16.53 1.54
C GLN B 288 0.16 16.42 2.83
N LEU B 289 -0.77 15.46 2.94
CA LEU B 289 -1.41 15.17 4.21
C LEU B 289 -0.39 14.99 5.33
N SER B 290 0.73 14.32 5.05
CA SER B 290 1.79 14.15 6.02
C SER B 290 3.12 14.71 5.53
N SER B 291 3.12 15.42 4.41
CA SER B 291 4.35 15.78 3.70
C SER B 291 5.22 14.56 3.42
N SER B 292 4.60 13.39 3.32
CA SER B 292 5.28 12.11 3.14
C SER B 292 6.27 11.76 4.25
N TYR B 293 6.20 12.44 5.41
CA TYR B 293 7.12 12.09 6.49
C TYR B 293 6.84 10.68 7.01
N LEU B 294 5.59 10.22 6.88
CA LEU B 294 5.21 8.85 7.09
C LEU B 294 4.10 8.52 6.11
N PRO B 295 3.97 7.25 5.69
CA PRO B 295 2.89 6.88 4.76
C PRO B 295 1.54 6.92 5.45
N ILE B 296 0.62 7.68 4.88
CA ILE B 296 -0.78 7.66 5.31
C ILE B 296 -1.62 8.33 4.22
N SER B 297 -2.82 7.81 4.02
CA SER B 297 -3.76 8.39 3.07
C SER B 297 -5.15 8.29 3.68
N ALA B 298 -6.09 8.99 3.05
CA ALA B 298 -7.44 9.08 3.60
C ALA B 298 -8.39 9.33 2.44
N PHE B 299 -9.63 8.90 2.60
CA PHE B 299 -10.68 9.44 1.75
C PHE B 299 -11.87 9.83 2.61
N LEU B 300 -12.59 10.86 2.15
CA LEU B 300 -13.80 11.34 2.78
C LEU B 300 -15.00 10.98 1.90
N ILE B 301 -16.12 10.67 2.53
CA ILE B 301 -17.36 10.46 1.79
C ILE B 301 -18.46 11.32 2.38
N ASN B 302 -19.40 11.74 1.53
CA ASN B 302 -20.47 12.58 2.03
C ASN B 302 -21.64 11.72 2.49
N GLU B 303 -22.72 12.36 2.94
CA GLU B 303 -23.83 11.61 3.49
C GLU B 303 -24.57 10.81 2.39
N ARG B 304 -24.67 11.39 1.20
CA ARG B 304 -25.25 10.68 0.07
C ARG B 304 -24.59 9.31 -0.12
N VAL B 305 -23.25 9.27 -0.07
CA VAL B 305 -22.54 8.00 -0.20
C VAL B 305 -22.73 7.15 1.04
N TYR B 306 -22.61 7.76 2.23
CA TYR B 306 -22.57 7.00 3.47
C TYR B 306 -23.95 6.44 3.86
N ALA B 307 -25.04 7.14 3.53
CA ALA B 307 -26.37 6.78 4.04
C ALA B 307 -26.74 5.30 3.79
N PRO B 308 -26.66 4.78 2.56
CA PRO B 308 -27.06 3.37 2.35
C PRO B 308 -26.10 2.34 2.95
N ILE B 309 -24.87 2.71 3.30
CA ILE B 309 -23.96 1.77 3.91
C ILE B 309 -23.74 2.07 5.40
N ALA B 310 -24.54 2.98 5.96
CA ALA B 310 -24.36 3.41 7.34
C ALA B 310 -24.42 2.24 8.32
N SER B 326 -8.94 1.97 11.79
CA SER B 326 -7.62 1.42 12.04
C SER B 326 -6.49 2.10 11.25
N GLY B 327 -6.53 3.43 11.20
CA GLY B 327 -5.34 4.16 10.75
C GLY B 327 -4.19 3.94 11.72
N HIS B 328 -2.98 4.11 11.23
CA HIS B 328 -1.79 3.92 12.04
C HIS B 328 -1.59 5.13 12.96
N PRO B 329 -1.53 4.94 14.27
CA PRO B 329 -1.53 6.11 15.17
C PRO B 329 -0.30 6.99 15.06
N VAL B 330 0.86 6.42 14.73
CA VAL B 330 2.05 7.26 14.57
C VAL B 330 1.92 8.11 13.32
N ALA B 331 1.51 7.50 12.21
CA ALA B 331 1.30 8.25 10.97
C ALA B 331 0.24 9.31 11.14
N ALA B 332 -0.85 8.97 11.85
CA ALA B 332 -1.90 9.97 12.09
C ALA B 332 -1.37 11.14 12.91
N ALA B 333 -0.55 10.86 13.94
CA ALA B 333 -0.01 11.94 14.75
C ALA B 333 0.87 12.87 13.91
N VAL B 334 1.64 12.29 13.00
CA VAL B 334 2.48 13.12 12.13
C VAL B 334 1.63 13.94 11.17
N ALA B 335 0.58 13.35 10.61
CA ALA B 335 -0.29 14.10 9.71
C ALA B 335 -0.97 15.27 10.43
N LEU B 336 -1.42 15.03 11.66
CA LEU B 336 -2.05 16.10 12.43
C LEU B 336 -1.10 17.27 12.65
N GLU B 337 0.15 16.97 13.06
CA GLU B 337 1.12 18.02 13.27
C GLU B 337 1.52 18.69 11.95
N ASN B 338 1.56 17.92 10.87
CA ASN B 338 1.82 18.51 9.54
C ASN B 338 0.73 19.52 9.17
N LEU B 339 -0.53 19.16 9.40
CA LEU B 339 -1.62 20.08 9.08
C LEU B 339 -1.56 21.33 9.95
N ALA B 340 -1.20 21.16 11.21
CA ALA B 340 -1.04 22.28 12.12
C ALA B 340 0.05 23.24 11.65
N ILE B 341 1.15 22.71 11.14
CA ILE B 341 2.23 23.56 10.63
C ILE B 341 1.75 24.34 9.42
N ILE B 342 1.10 23.66 8.48
CA ILE B 342 0.54 24.31 7.29
C ILE B 342 -0.38 25.45 7.70
N GLU B 343 -1.21 25.21 8.71
CA GLU B 343 -2.13 26.22 9.24
C GLU B 343 -1.38 27.37 9.92
N GLU B 344 -0.54 27.03 10.91
CA GLU B 344 0.12 28.04 11.72
C GLU B 344 1.00 28.94 10.86
N ARG B 345 1.72 28.36 9.91
CA ARG B 345 2.67 29.13 9.12
C ARG B 345 2.06 29.64 7.82
N ASP B 346 0.75 29.53 7.65
CA ASP B 346 0.07 30.16 6.52
C ASP B 346 0.67 29.67 5.20
N LEU B 347 0.90 28.37 5.09
CA LEU B 347 1.57 27.84 3.90
C LEU B 347 0.65 27.77 2.68
N VAL B 348 -0.66 27.68 2.87
CA VAL B 348 -1.54 27.76 1.70
C VAL B 348 -1.39 29.13 1.03
N ALA B 349 -1.35 30.20 1.84
CA ALA B 349 -1.18 31.54 1.28
C ALA B 349 0.22 31.71 0.71
N ASN B 350 1.24 31.18 1.39
CA ASN B 350 2.58 31.27 0.84
C ASN B 350 2.67 30.59 -0.51
N ALA B 351 2.10 29.38 -0.64
CA ALA B 351 2.16 28.67 -1.91
C ALA B 351 1.38 29.41 -2.98
N ARG B 352 0.25 29.99 -2.61
CA ARG B 352 -0.54 30.77 -3.56
C ARG B 352 0.27 31.95 -4.11
N ASP B 353 0.97 32.69 -3.23
CA ASP B 353 1.70 33.88 -3.68
C ASP B 353 3.01 33.52 -4.38
N ARG B 354 3.75 32.54 -3.87
CA ARG B 354 4.88 32.03 -4.63
C ARG B 354 4.42 31.40 -5.94
N GLY B 355 3.24 30.78 -5.94
CA GLY B 355 2.72 30.20 -7.17
C GLY B 355 2.44 31.24 -8.24
N THR B 356 1.77 32.32 -7.87
CA THR B 356 1.56 33.41 -8.80
C THR B 356 2.88 33.85 -9.45
N TYR B 357 3.90 34.01 -8.63
CA TYR B 357 5.19 34.45 -9.15
C TYR B 357 5.82 33.38 -10.04
N MET B 358 5.78 32.11 -9.62
CA MET B 358 6.34 31.03 -10.44
C MET B 358 5.61 30.91 -11.78
N GLN B 359 4.28 30.96 -11.76
CA GLN B 359 3.53 30.88 -13.02
C GLN B 359 3.93 32.00 -13.96
N LYS B 360 4.10 33.21 -13.43
CA LYS B 360 4.48 34.35 -14.27
C LYS B 360 5.90 34.18 -14.82
N ARG B 361 6.86 33.83 -13.95
CA ARG B 361 8.23 33.64 -14.41
C ARG B 361 8.32 32.54 -15.46
N LEU B 362 7.63 31.41 -15.26
CA LEU B 362 7.69 30.34 -16.23
C LEU B 362 7.11 30.76 -17.58
N ARG B 363 6.04 31.55 -17.56
CA ARG B 363 5.43 31.95 -18.82
C ARG B 363 6.29 32.95 -19.59
N GLU B 364 7.25 33.60 -18.95
CA GLU B 364 8.20 34.43 -19.67
C GLU B 364 9.07 33.62 -20.63
N LEU B 365 9.09 32.30 -20.50
CA LEU B 365 9.84 31.44 -21.39
C LEU B 365 9.01 30.88 -22.54
N GLN B 366 7.74 31.27 -22.64
CA GLN B 366 6.85 30.72 -23.66
C GLN B 366 7.40 30.91 -25.06
N ASP B 367 8.13 31.99 -25.30
CA ASP B 367 8.69 32.27 -26.61
C ASP B 367 10.03 31.58 -26.85
N HIS B 368 10.56 30.85 -25.88
CA HIS B 368 11.79 30.12 -26.13
C HIS B 368 11.60 29.13 -27.27
N PRO B 369 12.60 28.95 -28.14
CA PRO B 369 12.41 28.04 -29.29
C PRO B 369 12.12 26.59 -28.92
N LEU B 370 12.45 26.16 -27.70
CA LEU B 370 12.22 24.79 -27.28
C LEU B 370 10.94 24.59 -26.50
N VAL B 371 10.17 25.64 -26.24
CA VAL B 371 9.03 25.54 -25.33
C VAL B 371 7.75 25.49 -26.18
N GLY B 372 7.04 24.36 -26.13
CA GLY B 372 5.78 24.23 -26.83
C GLY B 372 4.63 24.81 -26.04
N GLU B 373 4.62 24.57 -24.73
CA GLU B 373 3.55 25.08 -23.87
C GLU B 373 4.06 25.22 -22.45
N VAL B 374 3.65 26.29 -21.79
CA VAL B 374 3.75 26.41 -20.34
C VAL B 374 2.32 26.32 -19.79
N ARG B 375 2.09 25.43 -18.83
CA ARG B 375 0.78 25.29 -18.20
C ARG B 375 0.97 25.11 -16.69
N GLY B 376 -0.06 25.46 -15.93
CA GLY B 376 0.03 25.35 -14.49
C GLY B 376 -0.93 26.27 -13.78
N VAL B 377 -1.17 25.96 -12.50
CA VAL B 377 -1.95 26.80 -11.59
C VAL B 377 -1.33 26.69 -10.22
N GLY B 378 -1.46 27.75 -9.42
CA GLY B 378 -0.92 27.70 -8.08
C GLY B 378 0.56 27.36 -8.14
N LEU B 379 0.99 26.36 -7.33
CA LEU B 379 2.39 26.00 -7.23
C LEU B 379 2.69 24.70 -7.98
N ILE B 380 2.00 24.43 -9.09
CA ILE B 380 2.32 23.28 -9.92
C ILE B 380 2.32 23.72 -11.37
N ALA B 381 3.33 23.27 -12.12
CA ALA B 381 3.47 23.71 -13.50
C ALA B 381 4.16 22.66 -14.32
N GLY B 382 3.90 22.69 -15.62
CA GLY B 382 4.61 21.87 -16.57
C GLY B 382 5.07 22.69 -17.75
N VAL B 383 6.25 22.38 -18.24
CA VAL B 383 6.85 23.04 -19.40
C VAL B 383 7.09 21.97 -20.44
N GLU B 384 6.28 21.96 -21.50
CA GLU B 384 6.39 20.93 -22.51
C GLU B 384 7.32 21.38 -23.62
N LEU B 385 8.32 20.56 -23.92
CA LEU B 385 9.38 20.89 -24.85
C LEU B 385 9.13 20.28 -26.22
N VAL B 386 9.52 21.02 -27.26
CA VAL B 386 9.40 20.58 -28.65
C VAL B 386 10.58 21.19 -29.40
N THR B 387 10.92 20.60 -30.56
CA THR B 387 11.84 21.27 -31.48
C THR B 387 11.17 21.89 -32.69
N ASP B 388 9.93 21.51 -32.98
CA ASP B 388 9.16 22.09 -34.08
C ASP B 388 7.84 22.55 -33.48
N LYS B 389 7.69 23.84 -33.26
CA LYS B 389 6.55 24.36 -32.53
C LYS B 389 5.24 24.21 -33.28
N GLN B 390 5.28 24.25 -34.61
CA GLN B 390 4.04 24.11 -35.38
C GLN B 390 3.59 22.67 -35.47
N ALA B 391 4.53 21.74 -35.67
CA ALA B 391 4.18 20.33 -35.67
C ALA B 391 4.01 19.76 -34.26
N LYS B 392 4.45 20.50 -33.22
CA LYS B 392 4.43 20.05 -31.84
C LYS B 392 5.19 18.74 -31.65
N THR B 393 6.33 18.61 -32.32
CA THR B 393 7.14 17.41 -32.25
C THR B 393 8.49 17.72 -31.59
N GLY B 394 9.04 16.73 -30.92
CA GLY B 394 10.36 16.86 -30.35
C GLY B 394 11.40 16.01 -31.08
N LEU B 395 12.30 15.39 -30.33
CA LEU B 395 13.27 14.46 -30.88
C LEU B 395 12.65 13.08 -31.02
N GLU B 396 13.35 12.20 -31.71
CA GLU B 396 12.97 10.78 -31.77
C GLU B 396 13.66 9.98 -30.67
N PRO B 397 12.88 9.27 -29.84
CA PRO B 397 11.42 9.33 -29.78
C PRO B 397 10.94 10.43 -28.82
N THR B 398 9.63 10.64 -28.75
CA THR B 398 9.08 11.54 -27.74
C THR B 398 9.54 11.10 -26.37
N GLY B 399 10.01 12.04 -25.57
CA GLY B 399 10.63 11.75 -24.28
C GLY B 399 12.13 11.98 -24.26
N ALA B 400 12.78 11.91 -25.43
CA ALA B 400 14.21 12.12 -25.47
C ALA B 400 14.57 13.57 -25.11
N LEU B 401 13.79 14.53 -25.61
CA LEU B 401 14.08 15.92 -25.33
C LEU B 401 13.88 16.22 -23.84
N GLY B 402 12.80 15.72 -23.25
CA GLY B 402 12.59 15.88 -21.82
C GLY B 402 13.69 15.26 -20.98
N ALA B 403 14.13 14.05 -21.33
CA ALA B 403 15.21 13.41 -20.60
C ALA B 403 16.51 14.21 -20.73
N LYS B 404 16.81 14.70 -21.94
CA LYS B 404 18.01 15.51 -22.15
C LYS B 404 18.01 16.74 -21.27
N ALA B 405 16.89 17.49 -21.26
CA ALA B 405 16.84 18.76 -20.53
C ALA B 405 16.83 18.51 -19.02
N ASN B 406 16.14 17.46 -18.57
CA ASN B 406 16.08 17.14 -17.15
C ASN B 406 17.47 16.82 -16.59
N ALA B 407 18.28 16.10 -17.38
CA ALA B 407 19.66 15.80 -16.95
C ALA B 407 20.49 17.07 -16.82
N VAL B 408 20.35 18.00 -17.76
CA VAL B 408 21.08 19.26 -17.67
C VAL B 408 20.59 20.08 -16.47
N LEU B 409 19.29 20.12 -16.26
CA LEU B 409 18.76 20.84 -15.12
C LEU B 409 19.31 20.27 -13.80
N GLN B 410 19.43 18.95 -13.70
CA GLN B 410 20.03 18.34 -12.52
C GLN B 410 21.51 18.73 -12.35
N GLU B 411 22.23 18.82 -13.46
CA GLU B 411 23.59 19.34 -13.41
C GLU B 411 23.62 20.76 -12.84
N ARG B 412 22.60 21.56 -13.13
CA ARG B 412 22.50 22.91 -12.63
C ARG B 412 21.85 22.98 -11.24
N GLY B 413 21.72 21.84 -10.56
CA GLY B 413 21.32 21.84 -9.17
C GLY B 413 19.83 21.91 -8.92
N VAL B 414 19.01 21.46 -9.88
CA VAL B 414 17.56 21.47 -9.75
C VAL B 414 17.05 20.09 -10.15
N ILE B 415 16.27 19.47 -9.28
CA ILE B 415 15.65 18.18 -9.56
C ILE B 415 14.23 18.45 -10.04
N SER B 416 13.98 18.20 -11.33
CA SER B 416 12.65 18.22 -11.87
C SER B 416 12.23 16.76 -12.13
N ARG B 417 11.18 16.58 -12.92
CA ARG B 417 10.73 15.25 -13.34
C ARG B 417 10.31 15.36 -14.79
N ALA B 418 10.82 14.49 -15.63
CA ALA B 418 10.47 14.48 -17.04
C ALA B 418 9.29 13.54 -17.21
N MET B 419 8.15 14.09 -17.59
CA MET B 419 6.98 13.26 -17.93
C MET B 419 6.89 13.31 -19.46
N GLY B 420 7.51 12.33 -20.12
CA GLY B 420 7.72 12.47 -21.53
C GLY B 420 8.59 13.70 -21.79
N ASP B 421 8.13 14.61 -22.64
CA ASP B 421 8.87 15.83 -22.93
C ASP B 421 8.40 17.01 -22.10
N THR B 422 7.63 16.78 -21.04
CA THR B 422 7.22 17.83 -20.12
C THR B 422 8.09 17.78 -18.89
N LEU B 423 8.69 18.92 -18.54
CA LEU B 423 9.35 19.10 -17.25
C LEU B 423 8.36 19.67 -16.24
N ALA B 424 8.25 19.04 -15.09
CA ALA B 424 7.28 19.49 -14.08
C ALA B 424 7.98 20.25 -12.97
N PHE B 425 7.25 21.19 -12.37
CA PHE B 425 7.72 21.94 -11.21
C PHE B 425 6.61 21.92 -10.17
N CYS B 426 6.95 21.48 -8.96
CA CYS B 426 5.99 21.32 -7.89
C CYS B 426 6.75 21.45 -6.57
N PRO B 427 7.29 22.63 -6.29
CA PRO B 427 8.24 22.77 -5.17
C PRO B 427 7.52 22.83 -3.84
N PRO B 428 8.27 22.69 -2.73
CA PRO B 428 7.62 22.67 -1.42
C PRO B 428 6.88 23.97 -1.12
N LEU B 429 5.82 23.86 -0.33
CA LEU B 429 4.98 24.98 0.05
C LEU B 429 5.76 26.06 0.78
N ILE B 430 6.92 25.72 1.34
CA ILE B 430 7.75 26.65 2.10
C ILE B 430 8.70 27.46 1.21
N ILE B 431 8.71 27.25 -0.10
CA ILE B 431 9.66 27.95 -0.96
C ILE B 431 9.39 29.46 -0.90
N ASN B 432 10.44 30.27 -1.11
CA ASN B 432 10.28 31.72 -1.15
C ASN B 432 10.56 32.23 -2.58
N ASP B 433 10.31 33.52 -2.80
CA ASP B 433 10.41 34.07 -4.16
C ASP B 433 11.84 34.01 -4.69
N GLN B 434 12.84 34.24 -3.83
CA GLN B 434 14.22 34.16 -4.30
C GLN B 434 14.55 32.76 -4.81
N GLN B 435 14.03 31.74 -4.14
CA GLN B 435 14.29 30.36 -4.56
C GLN B 435 13.51 30.02 -5.83
N VAL B 436 12.29 30.54 -5.97
CA VAL B 436 11.56 30.36 -7.21
C VAL B 436 12.34 30.99 -8.36
N ASP B 437 12.91 32.18 -8.12
CA ASP B 437 13.70 32.86 -9.13
C ASP B 437 14.91 32.02 -9.54
N THR B 438 15.62 31.48 -8.55
CA THR B 438 16.76 30.62 -8.84
C THR B 438 16.36 29.40 -9.68
N MET B 439 15.24 28.77 -9.33
CA MET B 439 14.79 27.57 -10.03
C MET B 439 14.46 27.88 -11.50
N VAL B 440 13.72 28.96 -11.75
CA VAL B 440 13.33 29.27 -13.12
C VAL B 440 14.51 29.75 -13.94
N SER B 441 15.44 30.49 -13.33
CA SER B 441 16.65 30.87 -14.04
C SER B 441 17.47 29.64 -14.44
N ALA B 442 17.46 28.59 -13.63
CA ALA B 442 18.15 27.36 -14.01
C ALA B 442 17.48 26.69 -15.20
N LEU B 443 16.15 26.74 -15.25
CA LEU B 443 15.44 26.20 -16.40
C LEU B 443 15.76 27.00 -17.66
N GLU B 444 15.75 28.33 -17.56
CA GLU B 444 16.04 29.15 -18.73
C GLU B 444 17.43 28.84 -19.29
N ALA B 445 18.44 28.79 -18.41
CA ALA B 445 19.79 28.48 -18.85
C ALA B 445 19.87 27.06 -19.41
N THR B 446 19.14 26.13 -18.80
CA THR B 446 19.07 24.76 -19.31
C THR B 446 18.54 24.73 -20.74
N LEU B 447 17.45 25.44 -20.99
CA LEU B 447 16.88 25.42 -22.34
C LEU B 447 17.85 26.04 -23.36
N ASN B 448 18.56 27.10 -22.95
CA ASN B 448 19.58 27.67 -23.85
C ASN B 448 20.71 26.67 -24.14
N ASP B 449 21.19 25.98 -23.10
CA ASP B 449 22.22 24.96 -23.28
C ASP B 449 21.75 23.87 -24.24
N VAL B 450 20.54 23.35 -24.02
CA VAL B 450 20.04 22.28 -24.85
C VAL B 450 19.87 22.75 -26.30
N GLN B 451 19.33 23.96 -26.48
CA GLN B 451 19.17 24.51 -27.82
C GLN B 451 20.53 24.62 -28.52
N ALA B 452 21.53 25.13 -27.82
CA ALA B 452 22.87 25.22 -28.41
C ALA B 452 23.39 23.85 -28.80
N SER B 453 23.18 22.85 -27.94
CA SER B 453 23.67 21.51 -28.21
C SER B 453 22.97 20.91 -29.43
N LEU B 454 21.68 21.17 -29.58
CA LEU B 454 20.95 20.64 -30.73
C LEU B 454 21.46 21.24 -32.04
N THR B 455 21.80 22.53 -32.04
CA THR B 455 22.24 23.17 -33.27
C THR B 455 23.71 22.92 -33.61
N ARG B 456 24.47 22.30 -32.72
CA ARG B 456 25.88 21.99 -33.02
C ARG B 456 26.09 20.49 -33.27
N1 PMP C . -3.65 9.49 -7.07
C2 PMP C . -2.82 10.46 -7.53
C2A PMP C . -3.40 11.68 -8.17
C3 PMP C . -1.41 10.33 -7.43
O3 PMP C . -0.63 11.30 -7.98
C4 PMP C . -0.86 9.17 -6.80
C4A PMP C . 0.63 8.97 -6.58
N4A PMP C . 1.47 9.40 -7.66
C5 PMP C . -1.77 8.19 -6.33
C6 PMP C . -3.14 8.39 -6.43
C5A PMP C . -1.30 6.91 -5.70
O4P PMP C . -0.71 7.18 -4.42
P PMP C . 0.40 6.12 -3.84
O1P PMP C . -0.17 4.75 -3.92
O2P PMP C . 0.61 6.61 -2.41
O3P PMP C . 1.65 6.21 -4.68
#